data_7N0A
#
_entry.id   7N0A
#
_cell.length_a   60.572
_cell.length_b   109.380
_cell.length_c   115.691
_cell.angle_alpha   90.000
_cell.angle_beta   90.000
_cell.angle_gamma   90.000
#
_symmetry.space_group_name_H-M   'P 21 21 2'
#
loop_
_entity.id
_entity.type
_entity.pdbx_description
1 polymer 'Leukemia inhibitory factor'
2 polymer 'MSC-1 Fab Light chain'
3 polymer 'MSC-1 Fab Heavy chain'
4 branched beta-D-mannopyranose-(1-4)-2-acetamido-2-deoxy-beta-D-glucopyranose-(1-4)-2-acetamido-2-deoxy-beta-D-glucopyranose
5 non-polymer 2-acetamido-2-deoxy-beta-D-glucopyranose
6 non-polymer GLYCEROL
7 water water
#
loop_
_entity_poly.entity_id
_entity_poly.type
_entity_poly.pdbx_seq_one_letter_code
_entity_poly.pdbx_strand_id
1 'polypeptide(L)'
;SPLPITPVNATCAIRHPCHNNLMNQIRSQLAQLNGSANALFILYYTAQGEPFPNNLDKLCGPNVTDFPPFHANGTEKAKL
VELYRIVVYLGTSLGNITRDQKILNPSALSLHSKLNATADILRGLLSNVLCRLCSKYHVGHVDVTYGPDTSGKDVFQKKK
LGCQLLGKYKQIIAVLAQAFG
;
C
2 'polypeptide(L)'
;DIVMTQTPLSSPVTLGQPASISCRSSQSLLDSDGHTYLNWLQQRPGQPPRLLIYSVSNLESGVPDRFSGSGAGTDFTLKI
SRVEAEDVGVYYCMQATHAPPYTFGQGTKLEIKRTVAAPSVFIFPPSDEQLKSGTASVVCLLNNFYPREAKVQWKVDNAL
QSGNSQESVTEQDSKDSTYSLSSTLTLSKADYEKHKVYACEVTHQGLSSPVTKSFNRGEC
;
A
3 'polypeptide(L)'
;QVQLQESGGGLVKPGGSLRLSCAASGFTFSHAWMHWVRQAPGKGLEWVGQIKAKSDDYATYYAESVKGRFTISRDDSKNT
LYLQMNSLKTEDTAVYYCTCWEWDLDFWGQGTMVTVSSASTKGPSVFPLAPSSKSTSGGTAALGCLVKDYFPEPVTVSWN
SGALTSGVHTFPAVLQSSGLYSLSSVVTVPSSSLGTQTYICNVNHKPSNTKVDKKVEPKSCDKT
;
B
#
loop_
_chem_comp.id
_chem_comp.type
_chem_comp.name
_chem_comp.formula
BMA D-saccharide, beta linking beta-D-mannopyranose 'C6 H12 O6'
GOL non-polymer GLYCEROL 'C3 H8 O3'
NAG D-saccharide, beta linking 2-acetamido-2-deoxy-beta-D-glucopyranose 'C8 H15 N O6'
#
# COMPACT_ATOMS: atom_id res chain seq x y z
N ALA A 10 -27.83 -0.21 -15.66
CA ALA A 10 -28.47 0.92 -14.98
C ALA A 10 -27.54 1.51 -13.91
N THR A 11 -26.66 0.67 -13.37
CA THR A 11 -25.74 1.09 -12.33
C THR A 11 -24.30 0.89 -12.80
N CYS A 12 -23.53 1.96 -12.79
CA CYS A 12 -22.09 1.87 -13.00
C CYS A 12 -21.41 2.99 -12.23
N ALA A 13 -20.24 2.69 -11.67
CA ALA A 13 -19.45 3.68 -10.97
C ALA A 13 -17.97 3.41 -11.19
N ILE A 14 -17.19 4.48 -11.27
CA ILE A 14 -15.74 4.40 -11.44
C ILE A 14 -15.09 5.12 -10.28
N ARG A 15 -13.99 4.55 -9.78
CA ARG A 15 -13.27 5.17 -8.68
C ARG A 15 -12.73 6.52 -9.11
N HIS A 16 -11.84 6.51 -10.09
CA HIS A 16 -11.24 7.69 -10.67
C HIS A 16 -11.66 7.81 -12.13
N PRO A 17 -11.59 9.01 -12.71
CA PRO A 17 -12.02 9.17 -14.10
C PRO A 17 -11.16 8.35 -15.05
N CYS A 18 -11.65 8.23 -16.28
CA CYS A 18 -10.94 7.48 -17.30
C CYS A 18 -9.98 8.40 -18.05
N HIS A 19 -9.26 7.82 -19.00
CA HIS A 19 -8.26 8.57 -19.74
C HIS A 19 -8.93 9.60 -20.65
N ASN A 20 -8.27 10.75 -20.80
CA ASN A 20 -8.75 11.78 -21.71
C ASN A 20 -8.67 11.30 -23.16
N ASN A 21 -9.62 11.76 -23.97
CA ASN A 21 -9.69 11.43 -25.39
C ASN A 21 -9.68 9.91 -25.60
N LEU A 22 -10.71 9.25 -25.07
CA LEU A 22 -10.80 7.81 -25.19
C LEU A 22 -10.95 7.38 -26.64
N MET A 23 -11.84 8.04 -27.39
CA MET A 23 -12.06 7.65 -28.77
C MET A 23 -10.82 7.88 -29.63
N ASN A 24 -9.99 8.86 -29.26
CA ASN A 24 -8.71 9.03 -29.93
C ASN A 24 -7.74 7.93 -29.52
N GLN A 25 -7.71 7.58 -28.23
CA GLN A 25 -6.87 6.48 -27.77
C GLN A 25 -7.34 5.15 -28.36
N ILE A 26 -8.66 4.90 -28.36
CA ILE A 26 -9.18 3.66 -28.91
C ILE A 26 -8.85 3.56 -30.40
N ARG A 27 -9.07 4.63 -31.15
CA ARG A 27 -8.79 4.60 -32.58
C ARG A 27 -7.28 4.51 -32.83
N SER A 28 -6.48 5.17 -32.00
CA SER A 28 -5.02 5.01 -32.08
C SER A 28 -4.61 3.59 -31.70
N GLN A 29 -5.37 2.94 -30.82
CA GLN A 29 -5.08 1.56 -30.46
C GLN A 29 -5.44 0.63 -31.61
N LEU A 30 -6.62 0.82 -32.21
CA LEU A 30 -7.04 0.00 -33.33
C LEU A 30 -6.10 0.18 -34.52
N ALA A 31 -5.78 1.43 -34.86
CA ALA A 31 -4.90 1.67 -36.00
C ALA A 31 -3.51 1.11 -35.77
N GLN A 32 -3.05 1.08 -34.51
CA GLN A 32 -1.76 0.47 -34.22
C GLN A 32 -1.83 -1.04 -34.38
N LEU A 33 -2.92 -1.66 -33.95
CA LEU A 33 -3.07 -3.11 -34.13
C LEU A 33 -3.22 -3.47 -35.60
N ASN A 34 -3.87 -2.61 -36.39
CA ASN A 34 -4.05 -2.90 -37.81
C ASN A 34 -2.72 -2.96 -38.54
N GLY A 35 -1.76 -2.12 -38.14
CA GLY A 35 -0.47 -2.12 -38.80
C GLY A 35 0.31 -3.39 -38.54
N SER A 36 0.40 -3.79 -37.26
CA SER A 36 1.12 -5.00 -36.88
C SER A 36 0.32 -6.27 -37.16
N ALA A 37 -0.87 -6.16 -37.75
CA ALA A 37 -1.70 -7.33 -37.99
C ALA A 37 -1.07 -8.24 -39.03
N ASN A 38 -0.64 -7.67 -40.16
CA ASN A 38 -0.09 -8.49 -41.24
C ASN A 38 1.27 -9.05 -40.86
N ALA A 39 2.09 -8.28 -40.15
CA ALA A 39 3.39 -8.77 -39.72
C ALA A 39 3.25 -9.98 -38.82
N LEU A 40 2.24 -9.99 -37.95
CA LEU A 40 2.00 -11.16 -37.12
C LEU A 40 1.48 -12.33 -37.94
N PHE A 41 0.74 -12.03 -39.01
CA PHE A 41 0.28 -13.08 -39.92
C PHE A 41 1.45 -13.74 -40.63
N ILE A 42 2.39 -12.93 -41.14
CA ILE A 42 3.55 -13.47 -41.83
C ILE A 42 4.43 -14.25 -40.86
N LEU A 43 4.67 -13.67 -39.67
CA LEU A 43 5.53 -14.34 -38.69
C LEU A 43 4.98 -15.70 -38.29
N TYR A 44 3.65 -15.83 -38.25
CA TYR A 44 3.04 -17.08 -37.79
C TYR A 44 3.26 -18.20 -38.78
N TYR A 45 2.66 -18.10 -39.98
CA TYR A 45 2.73 -19.20 -40.92
C TYR A 45 4.14 -19.48 -41.40
N THR A 46 5.04 -18.50 -41.31
CA THR A 46 6.44 -18.76 -41.63
C THR A 46 7.08 -19.69 -40.61
N ALA A 47 6.67 -19.58 -39.35
CA ALA A 47 7.18 -20.47 -38.30
C ALA A 47 6.53 -21.85 -38.33
N GLN A 48 5.31 -21.96 -38.87
CA GLN A 48 4.65 -23.26 -38.94
C GLN A 48 5.20 -24.15 -40.03
N GLY A 49 5.79 -23.57 -41.07
CA GLY A 49 6.33 -24.35 -42.17
C GLY A 49 5.23 -24.97 -43.02
N GLU A 50 5.67 -25.89 -43.87
CA GLU A 50 4.76 -26.58 -44.78
C GLU A 50 3.65 -27.26 -43.97
N PRO A 51 2.41 -27.32 -44.49
CA PRO A 51 1.93 -26.82 -45.78
C PRO A 51 1.19 -25.48 -45.68
N PHE A 52 1.66 -24.59 -44.83
CA PHE A 52 0.91 -23.35 -44.56
C PHE A 52 1.30 -22.19 -45.49
N PRO A 53 2.59 -21.90 -45.71
CA PRO A 53 2.92 -20.76 -46.58
C PRO A 53 2.51 -20.94 -48.04
N ASN A 54 2.05 -22.13 -48.43
CA ASN A 54 1.59 -22.37 -49.79
C ASN A 54 0.07 -22.44 -49.88
N ASN A 55 -0.55 -23.34 -49.12
CA ASN A 55 -2.00 -23.38 -49.03
C ASN A 55 -2.50 -22.37 -48.01
N LEU A 56 -2.08 -21.12 -48.16
CA LEU A 56 -2.41 -20.05 -47.22
C LEU A 56 -3.86 -19.59 -47.32
N ASP A 57 -4.64 -20.14 -48.26
CA ASP A 57 -5.99 -19.68 -48.50
C ASP A 57 -7.03 -20.50 -47.74
N LYS A 58 -6.99 -21.82 -47.88
CA LYS A 58 -7.97 -22.70 -47.26
C LYS A 58 -7.50 -23.26 -45.91
N LEU A 59 -6.27 -22.95 -45.49
CA LEU A 59 -5.79 -23.32 -44.17
C LEU A 59 -5.65 -22.15 -43.22
N CYS A 60 -5.51 -20.92 -43.74
CA CYS A 60 -5.22 -19.75 -42.91
C CYS A 60 -6.15 -18.60 -43.28
N GLY A 61 -7.37 -18.91 -43.68
CA GLY A 61 -8.31 -17.90 -44.12
C GLY A 61 -9.10 -17.30 -42.97
N PRO A 62 -10.00 -16.36 -43.29
CA PRO A 62 -10.77 -15.70 -42.24
C PRO A 62 -12.04 -16.45 -41.84
N ASN A 63 -12.06 -17.76 -42.02
CA ASN A 63 -13.22 -18.57 -41.66
C ASN A 63 -13.06 -19.02 -40.20
N VAL A 64 -13.69 -18.31 -39.29
CA VAL A 64 -13.71 -18.68 -37.87
C VAL A 64 -15.16 -18.67 -37.44
N THR A 65 -15.63 -19.80 -36.90
CA THR A 65 -17.07 -20.04 -36.79
C THR A 65 -17.71 -19.19 -35.70
N ASP A 66 -17.30 -19.40 -34.45
CA ASP A 66 -17.92 -18.77 -33.29
C ASP A 66 -17.34 -17.39 -32.98
N PHE A 67 -16.56 -16.82 -33.89
CA PHE A 67 -16.00 -15.49 -33.67
C PHE A 67 -17.13 -14.49 -33.50
N PRO A 68 -17.06 -13.59 -32.52
CA PRO A 68 -18.16 -12.64 -32.27
C PRO A 68 -18.34 -11.70 -33.44
N PRO A 69 -19.54 -11.15 -33.61
CA PRO A 69 -19.81 -10.27 -34.76
C PRO A 69 -19.51 -8.81 -34.45
N PHE A 70 -19.53 -8.01 -35.51
CA PHE A 70 -19.40 -6.56 -35.40
C PHE A 70 -20.06 -5.93 -36.63
N HIS A 71 -21.04 -5.07 -36.40
CA HIS A 71 -21.74 -4.38 -37.47
C HIS A 71 -21.26 -2.93 -37.53
N ALA A 72 -20.85 -2.51 -38.73
CA ALA A 72 -20.35 -1.15 -38.89
C ALA A 72 -21.42 -0.11 -38.61
N ASN A 73 -22.67 -0.41 -38.93
CA ASN A 73 -23.78 0.46 -38.55
C ASN A 73 -24.04 0.33 -37.05
N GLY A 74 -24.92 1.18 -36.54
CA GLY A 74 -25.32 1.12 -35.15
C GLY A 74 -24.63 2.18 -34.31
N THR A 75 -25.17 2.36 -33.11
CA THR A 75 -24.73 3.43 -32.23
C THR A 75 -23.34 3.15 -31.67
N GLU A 76 -22.78 4.16 -31.02
CA GLU A 76 -21.44 4.02 -30.43
C GLU A 76 -21.45 3.02 -29.29
N LYS A 77 -22.54 2.99 -28.50
CA LYS A 77 -22.66 1.97 -27.46
C LYS A 77 -22.71 0.58 -28.07
N ALA A 78 -23.49 0.41 -29.15
CA ALA A 78 -23.60 -0.90 -29.78
C ALA A 78 -22.28 -1.33 -30.40
N LYS A 79 -21.59 -0.41 -31.10
CA LYS A 79 -20.30 -0.77 -31.69
C LYS A 79 -19.24 -1.06 -30.63
N LEU A 80 -19.41 -0.58 -29.41
CA LEU A 80 -18.39 -0.77 -28.38
C LEU A 80 -18.61 -2.02 -27.55
N VAL A 81 -19.86 -2.45 -27.35
CA VAL A 81 -20.10 -3.69 -26.63
C VAL A 81 -19.68 -4.88 -27.48
N GLU A 82 -19.91 -4.82 -28.79
CA GLU A 82 -19.43 -5.87 -29.68
C GLU A 82 -17.92 -5.90 -29.72
N LEU A 83 -17.29 -4.73 -29.75
CA LEU A 83 -15.83 -4.67 -29.68
C LEU A 83 -15.32 -5.24 -28.37
N TYR A 84 -16.08 -5.10 -27.27
CA TYR A 84 -15.66 -5.68 -26.01
C TYR A 84 -15.63 -7.20 -26.08
N ARG A 85 -16.60 -7.81 -26.76
CA ARG A 85 -16.63 -9.26 -26.86
C ARG A 85 -15.54 -9.79 -27.79
N ILE A 86 -15.16 -9.00 -28.81
CA ILE A 86 -14.07 -9.40 -29.69
C ILE A 86 -12.75 -9.42 -28.92
N VAL A 87 -12.44 -8.33 -28.22
CA VAL A 87 -11.16 -8.21 -27.52
C VAL A 87 -11.05 -9.25 -26.42
N VAL A 88 -12.17 -9.62 -25.79
CA VAL A 88 -12.15 -10.73 -24.84
C VAL A 88 -11.87 -12.04 -25.55
N TYR A 89 -12.52 -12.26 -26.71
CA TYR A 89 -12.26 -13.46 -27.49
C TYR A 89 -10.81 -13.52 -27.94
N LEU A 90 -10.28 -12.40 -28.42
CA LEU A 90 -8.88 -12.37 -28.88
C LEU A 90 -7.91 -12.59 -27.73
N GLY A 91 -8.30 -12.23 -26.50
CA GLY A 91 -7.39 -12.39 -25.38
C GLY A 91 -7.19 -13.84 -24.98
N THR A 92 -8.28 -14.61 -24.92
CA THR A 92 -8.17 -16.02 -24.56
C THR A 92 -7.51 -16.83 -25.66
N SER A 93 -7.73 -16.47 -26.93
CA SER A 93 -7.15 -17.22 -28.03
C SER A 93 -5.64 -17.02 -28.07
N LEU A 94 -5.19 -15.77 -28.09
CA LEU A 94 -3.75 -15.49 -28.17
C LEU A 94 -3.01 -16.04 -26.96
N GLY A 95 -3.64 -16.03 -25.79
CA GLY A 95 -3.05 -16.68 -24.64
C GLY A 95 -2.93 -18.18 -24.83
N ASN A 96 -3.91 -18.79 -25.50
CA ASN A 96 -3.82 -20.20 -25.83
C ASN A 96 -2.81 -20.45 -26.94
N ILE A 97 -2.84 -19.64 -27.99
CA ILE A 97 -1.97 -19.85 -29.14
C ILE A 97 -0.51 -19.67 -28.74
N THR A 98 -0.23 -18.68 -27.89
CA THR A 98 1.13 -18.50 -27.41
C THR A 98 1.60 -19.71 -26.61
N ARG A 99 0.69 -20.33 -25.85
CA ARG A 99 1.03 -21.57 -25.16
C ARG A 99 1.28 -22.68 -26.16
N ASP A 100 0.41 -22.80 -27.17
CA ASP A 100 0.59 -23.84 -28.17
C ASP A 100 1.89 -23.69 -28.93
N GLN A 101 2.26 -22.46 -29.27
CA GLN A 101 3.44 -22.24 -30.11
C GLN A 101 4.74 -22.47 -29.36
N LYS A 102 4.76 -22.21 -28.05
CA LYS A 102 6.00 -22.34 -27.29
C LYS A 102 6.44 -23.80 -27.20
N ILE A 103 5.50 -24.74 -27.21
CA ILE A 103 5.87 -26.14 -27.25
C ILE A 103 6.27 -26.56 -28.66
N LEU A 104 5.51 -26.12 -29.66
CA LEU A 104 5.77 -26.57 -31.04
C LEU A 104 7.00 -25.89 -31.62
N ASN A 105 7.06 -24.55 -31.57
CA ASN A 105 8.10 -23.77 -32.23
C ASN A 105 8.81 -22.90 -31.20
N PRO A 106 9.87 -23.41 -30.58
CA PRO A 106 10.69 -22.57 -29.69
C PRO A 106 11.76 -21.80 -30.44
N SER A 107 12.03 -22.20 -31.67
CA SER A 107 13.11 -21.60 -32.44
C SER A 107 12.78 -20.15 -32.80
N ALA A 108 11.52 -19.87 -33.11
CA ALA A 108 11.12 -18.52 -33.54
C ALA A 108 10.74 -17.71 -32.31
N LEU A 109 11.76 -17.08 -31.71
CA LEU A 109 11.53 -16.17 -30.59
C LEU A 109 11.02 -14.81 -31.02
N SER A 110 10.97 -14.54 -32.32
CA SER A 110 10.36 -13.30 -32.81
C SER A 110 8.84 -13.41 -32.82
N LEU A 111 8.32 -14.60 -33.10
CA LEU A 111 6.87 -14.81 -33.06
C LEU A 111 6.34 -14.74 -31.64
N HIS A 112 7.16 -15.14 -30.65
CA HIS A 112 6.73 -15.06 -29.26
C HIS A 112 6.67 -13.60 -28.80
N SER A 113 7.69 -12.81 -29.12
CA SER A 113 7.72 -11.43 -28.65
C SER A 113 6.70 -10.55 -29.37
N LYS A 114 6.33 -10.90 -30.60
CA LYS A 114 5.28 -10.19 -31.32
C LYS A 114 3.88 -10.73 -31.02
N LEU A 115 3.78 -11.85 -30.30
CA LEU A 115 2.51 -12.28 -29.74
C LEU A 115 2.26 -11.71 -28.35
N ASN A 116 3.33 -11.49 -27.58
CA ASN A 116 3.18 -10.82 -26.30
C ASN A 116 2.84 -9.35 -26.48
N ALA A 117 3.41 -8.72 -27.52
CA ALA A 117 3.08 -7.34 -27.84
C ALA A 117 1.60 -7.18 -28.16
N THR A 118 1.11 -7.99 -29.11
CA THR A 118 -0.30 -7.92 -29.49
C THR A 118 -1.22 -8.20 -28.33
N ALA A 119 -0.80 -9.08 -27.41
CA ALA A 119 -1.66 -9.42 -26.27
C ALA A 119 -1.80 -8.24 -25.32
N ASP A 120 -0.74 -7.47 -25.12
CA ASP A 120 -0.78 -6.38 -24.16
C ASP A 120 -1.49 -5.16 -24.70
N ILE A 121 -1.46 -4.95 -26.02
CA ILE A 121 -2.18 -3.81 -26.59
C ILE A 121 -3.69 -4.03 -26.48
N LEU A 122 -4.14 -5.28 -26.56
CA LEU A 122 -5.57 -5.56 -26.42
C LEU A 122 -6.05 -5.28 -25.00
N ARG A 123 -5.26 -5.67 -24.00
CA ARG A 123 -5.66 -5.45 -22.62
C ARG A 123 -5.68 -3.98 -22.25
N GLY A 124 -4.78 -3.18 -22.83
CA GLY A 124 -4.89 -1.74 -22.70
C GLY A 124 -6.09 -1.18 -23.42
N LEU A 125 -6.45 -1.78 -24.57
CA LEU A 125 -7.68 -1.42 -25.26
C LEU A 125 -8.92 -1.90 -24.50
N LEU A 126 -8.77 -2.89 -23.63
CA LEU A 126 -9.91 -3.42 -22.90
C LEU A 126 -10.43 -2.40 -21.88
N SER A 127 -9.52 -1.72 -21.18
CA SER A 127 -9.94 -0.72 -20.21
C SER A 127 -10.59 0.48 -20.90
N ASN A 128 -10.05 0.88 -22.06
CA ASN A 128 -10.63 2.01 -22.80
C ASN A 128 -12.05 1.70 -23.24
N VAL A 129 -12.31 0.46 -23.68
CA VAL A 129 -13.64 0.10 -24.18
C VAL A 129 -14.59 -0.13 -23.02
N LEU A 130 -14.15 -0.83 -21.98
CA LEU A 130 -15.07 -1.17 -20.89
C LEU A 130 -15.41 0.05 -20.03
N CYS A 131 -14.47 0.98 -19.87
CA CYS A 131 -14.79 2.20 -19.12
C CYS A 131 -15.77 3.07 -19.89
N ARG A 132 -15.48 3.34 -21.16
CA ARG A 132 -16.34 4.20 -21.98
C ARG A 132 -17.78 3.72 -21.93
N LEU A 133 -17.99 2.40 -21.93
CA LEU A 133 -19.32 1.85 -21.69
C LEU A 133 -19.82 2.25 -20.30
N CYS A 134 -18.95 2.17 -19.29
CA CYS A 134 -19.36 2.41 -17.92
C CYS A 134 -19.60 3.89 -17.66
N SER A 135 -18.64 4.74 -18.05
CA SER A 135 -18.70 6.16 -17.71
C SER A 135 -19.78 6.90 -18.49
N LYS A 136 -20.06 6.49 -19.73
CA LYS A 136 -21.01 7.19 -20.58
C LYS A 136 -22.37 6.52 -20.67
N TYR A 137 -22.41 5.20 -20.82
CA TYR A 137 -23.65 4.47 -20.99
C TYR A 137 -24.05 3.67 -19.76
N HIS A 138 -23.22 3.66 -18.71
CA HIS A 138 -23.53 2.98 -17.45
C HIS A 138 -23.80 1.50 -17.67
N VAL A 139 -22.97 0.87 -18.50
CA VAL A 139 -23.14 -0.55 -18.80
C VAL A 139 -22.86 -1.40 -17.56
N GLY A 140 -21.76 -1.11 -16.87
CA GLY A 140 -21.42 -1.83 -15.66
C GLY A 140 -20.68 -3.13 -15.91
N HIS A 141 -21.33 -4.09 -16.56
CA HIS A 141 -20.72 -5.38 -16.86
C HIS A 141 -21.38 -5.96 -18.10
N VAL A 142 -20.60 -6.74 -18.85
CA VAL A 142 -21.06 -7.37 -20.09
C VAL A 142 -20.80 -8.87 -19.99
N ASP A 143 -21.79 -9.66 -20.42
CA ASP A 143 -21.59 -11.10 -20.56
C ASP A 143 -20.93 -11.38 -21.91
N VAL A 144 -19.87 -12.17 -21.89
CA VAL A 144 -19.09 -12.42 -23.09
C VAL A 144 -19.01 -13.92 -23.37
N THR A 145 -18.37 -14.28 -24.48
CA THR A 145 -18.10 -15.67 -24.80
C THR A 145 -16.60 -15.82 -25.09
N TYR A 146 -16.10 -17.03 -24.84
CA TYR A 146 -14.69 -17.32 -25.02
C TYR A 146 -14.51 -18.33 -26.15
N GLY A 147 -13.27 -18.43 -26.62
CA GLY A 147 -12.95 -19.35 -27.69
C GLY A 147 -12.83 -20.78 -27.20
N PRO A 148 -12.61 -21.69 -28.14
CA PRO A 148 -12.37 -23.09 -27.77
C PRO A 148 -10.97 -23.27 -27.20
N ASP A 149 -10.87 -24.17 -26.20
CA ASP A 149 -9.58 -24.51 -25.63
C ASP A 149 -8.84 -25.44 -26.58
N THR A 150 -7.55 -25.16 -26.80
CA THR A 150 -6.70 -25.97 -27.65
C THR A 150 -5.70 -26.79 -26.84
N SER A 151 -6.02 -27.06 -25.56
CA SER A 151 -5.05 -27.69 -24.67
C SER A 151 -4.61 -29.06 -25.20
N GLY A 152 -5.57 -29.94 -25.49
CA GLY A 152 -5.25 -31.26 -25.99
C GLY A 152 -5.92 -31.55 -27.31
N LYS A 153 -5.24 -31.24 -28.42
CA LYS A 153 -5.78 -31.45 -29.75
C LYS A 153 -4.67 -31.89 -30.69
N ASP A 154 -5.09 -32.36 -31.87
CA ASP A 154 -4.15 -32.73 -32.92
C ASP A 154 -3.25 -31.55 -33.25
N VAL A 155 -1.95 -31.83 -33.38
CA VAL A 155 -0.96 -30.77 -33.60
C VAL A 155 -1.32 -29.94 -34.82
N PHE A 156 -1.78 -30.59 -35.89
CA PHE A 156 -2.15 -29.85 -37.09
C PHE A 156 -3.36 -28.95 -36.83
N GLN A 157 -4.35 -29.45 -36.09
CA GLN A 157 -5.50 -28.62 -35.76
C GLN A 157 -5.10 -27.45 -34.87
N LYS A 158 -4.21 -27.69 -33.90
CA LYS A 158 -3.67 -26.60 -33.10
C LYS A 158 -2.96 -25.57 -33.98
N LYS A 159 -2.19 -26.04 -34.96
CA LYS A 159 -1.56 -25.10 -35.89
C LYS A 159 -2.60 -24.46 -36.80
N LYS A 160 -3.59 -25.23 -37.26
CA LYS A 160 -4.56 -24.69 -38.21
C LYS A 160 -5.53 -23.73 -37.54
N LEU A 161 -6.00 -24.05 -36.35
CA LEU A 161 -6.90 -23.14 -35.63
C LEU A 161 -6.23 -21.80 -35.38
N GLY A 162 -4.96 -21.83 -34.94
CA GLY A 162 -4.23 -20.59 -34.75
C GLY A 162 -3.98 -19.84 -36.04
N CYS A 163 -3.92 -20.56 -37.17
CA CYS A 163 -3.75 -19.91 -38.46
C CYS A 163 -4.99 -19.14 -38.85
N GLN A 164 -6.16 -19.79 -38.79
CA GLN A 164 -7.41 -19.14 -39.19
C GLN A 164 -7.76 -17.99 -38.26
N LEU A 165 -7.32 -18.03 -37.01
CA LEU A 165 -7.61 -16.93 -36.08
C LEU A 165 -6.87 -15.66 -36.50
N LEU A 166 -5.57 -15.77 -36.77
CA LEU A 166 -4.80 -14.61 -37.18
C LEU A 166 -5.20 -14.13 -38.59
N GLY A 167 -5.89 -14.96 -39.36
CA GLY A 167 -6.42 -14.53 -40.64
C GLY A 167 -7.72 -13.76 -40.46
N LYS A 168 -8.61 -14.28 -39.62
CA LYS A 168 -9.83 -13.55 -39.29
C LYS A 168 -9.52 -12.28 -38.53
N TYR A 169 -8.56 -12.34 -37.60
CA TYR A 169 -8.14 -11.14 -36.88
C TYR A 169 -7.52 -10.13 -37.84
N LYS A 170 -6.81 -10.60 -38.86
CA LYS A 170 -6.24 -9.69 -39.85
C LYS A 170 -7.33 -8.95 -40.61
N GLN A 171 -8.45 -9.62 -40.88
CA GLN A 171 -9.53 -9.01 -41.64
C GLN A 171 -10.50 -8.23 -40.75
N ILE A 172 -10.68 -8.64 -39.49
CA ILE A 172 -11.64 -7.95 -38.64
C ILE A 172 -11.04 -6.68 -38.07
N ILE A 173 -9.72 -6.63 -37.86
CA ILE A 173 -9.12 -5.44 -37.27
C ILE A 173 -9.12 -4.29 -38.26
N ALA A 174 -9.12 -4.59 -39.55
CA ALA A 174 -9.24 -3.52 -40.55
C ALA A 174 -10.63 -2.92 -40.54
N VAL A 175 -11.65 -3.73 -40.26
CA VAL A 175 -13.01 -3.20 -40.17
C VAL A 175 -13.13 -2.26 -38.99
N LEU A 176 -12.60 -2.65 -37.83
CA LEU A 176 -12.70 -1.82 -36.63
C LEU A 176 -11.94 -0.51 -36.78
N ALA A 177 -10.73 -0.59 -37.34
CA ALA A 177 -9.95 0.62 -37.60
C ALA A 177 -10.61 1.52 -38.64
N GLN A 178 -11.43 0.94 -39.53
CA GLN A 178 -12.15 1.76 -40.50
C GLN A 178 -13.25 2.57 -39.83
N ALA A 179 -13.98 1.96 -38.89
CA ALA A 179 -15.07 2.65 -38.21
C ALA A 179 -14.55 3.48 -37.04
N PHE A 180 -15.45 3.82 -36.12
CA PHE A 180 -15.14 4.61 -34.92
C PHE A 180 -14.65 6.00 -35.38
N GLY A 181 -13.62 6.53 -34.75
CA GLY A 181 -13.10 7.83 -35.12
C GLY A 181 -12.98 8.78 -33.94
N ASP B 1 -7.38 26.57 -7.71
CA ASP B 1 -6.91 25.79 -6.58
C ASP B 1 -8.08 25.34 -5.71
N ILE B 2 -8.18 24.02 -5.48
CA ILE B 2 -9.25 23.43 -4.69
C ILE B 2 -8.71 23.11 -3.30
N VAL B 3 -9.54 23.35 -2.29
CA VAL B 3 -9.22 22.99 -0.92
C VAL B 3 -10.33 22.09 -0.38
N MET B 4 -9.94 21.17 0.51
CA MET B 4 -10.86 20.20 1.10
C MET B 4 -10.84 20.37 2.61
N THR B 5 -11.95 20.82 3.17
CA THR B 5 -12.08 21.07 4.60
C THR B 5 -12.97 20.02 5.22
N GLN B 6 -12.53 19.43 6.33
CA GLN B 6 -13.26 18.39 7.03
C GLN B 6 -13.60 18.85 8.44
N THR B 7 -14.78 18.48 8.90
CA THR B 7 -15.15 18.71 10.29
C THR B 7 -14.35 17.77 11.18
N PRO B 8 -13.55 18.28 12.13
CA PRO B 8 -12.72 17.39 12.93
C PRO B 8 -13.51 16.57 13.93
N LEU B 9 -12.83 15.72 14.69
CA LEU B 9 -13.49 14.89 15.69
C LEU B 9 -13.87 15.72 16.90
N SER B 10 -15.08 15.49 17.42
CA SER B 10 -15.58 16.16 18.61
C SER B 10 -15.36 15.35 19.88
N SER B 11 -15.48 14.03 19.80
CA SER B 11 -15.33 13.16 20.96
C SER B 11 -15.05 11.75 20.46
N PRO B 12 -14.44 10.90 21.29
CA PRO B 12 -14.29 9.49 20.92
C PRO B 12 -15.65 8.81 20.87
N VAL B 13 -15.99 8.28 19.69
CA VAL B 13 -17.29 7.64 19.52
C VAL B 13 -17.33 6.35 20.34
N THR B 14 -18.36 6.21 21.17
CA THR B 14 -18.56 4.98 21.93
C THR B 14 -18.85 3.83 20.98
N LEU B 15 -18.40 2.63 21.37
CA LEU B 15 -18.59 1.44 20.56
C LEU B 15 -20.07 1.24 20.24
N GLY B 16 -20.36 1.03 18.95
CA GLY B 16 -21.71 0.83 18.49
C GLY B 16 -22.46 2.10 18.13
N GLN B 17 -22.00 3.25 18.60
CA GLN B 17 -22.68 4.50 18.30
C GLN B 17 -22.32 5.00 16.91
N PRO B 18 -23.23 5.70 16.24
CA PRO B 18 -22.95 6.22 14.90
C PRO B 18 -21.91 7.33 14.93
N ALA B 19 -21.39 7.63 13.75
CA ALA B 19 -20.39 8.68 13.58
C ALA B 19 -20.59 9.32 12.22
N SER B 20 -20.29 10.62 12.13
CA SER B 20 -20.48 11.38 10.91
C SER B 20 -19.26 12.26 10.64
N ILE B 21 -18.67 12.11 9.46
CA ILE B 21 -17.61 12.98 8.97
C ILE B 21 -18.09 13.61 7.68
N SER B 22 -17.65 14.84 7.43
CA SER B 22 -18.09 15.58 6.26
C SER B 22 -16.93 16.36 5.66
N CYS B 23 -16.82 16.33 4.34
CA CYS B 23 -15.88 17.17 3.60
C CYS B 23 -16.62 18.29 2.90
N ARG B 24 -15.97 19.45 2.83
CA ARG B 24 -16.57 20.65 2.25
C ARG B 24 -15.54 21.30 1.35
N SER B 25 -15.82 21.33 0.05
CA SER B 25 -14.87 21.82 -0.94
C SER B 25 -15.08 23.30 -1.23
N SER B 26 -14.06 23.91 -1.84
CA SER B 26 -14.15 25.32 -2.21
C SER B 26 -14.95 25.51 -3.49
N GLN B 27 -14.94 24.53 -4.40
CA GLN B 27 -15.62 24.64 -5.67
C GLN B 27 -16.34 23.33 -5.96
N SER B 28 -17.32 23.40 -6.86
CA SER B 28 -18.17 22.26 -7.16
C SER B 28 -17.37 21.14 -7.84
N LEU B 29 -17.62 19.91 -7.39
CA LEU B 29 -16.92 18.75 -7.93
C LEU B 29 -17.67 18.08 -9.07
N LEU B 30 -18.88 18.52 -9.38
CA LEU B 30 -19.62 17.98 -10.51
C LEU B 30 -18.91 18.30 -11.82
N ASP B 31 -18.50 17.27 -12.54
CA ASP B 31 -17.78 17.45 -13.78
C ASP B 31 -18.76 17.61 -14.95
N SER B 32 -18.21 17.71 -16.16
CA SER B 32 -19.05 17.90 -17.34
C SER B 32 -19.75 16.61 -17.76
N ASP B 33 -19.11 15.46 -17.55
CA ASP B 33 -19.70 14.18 -17.93
C ASP B 33 -20.84 13.76 -17.01
N GLY B 34 -21.04 14.44 -15.88
CA GLY B 34 -22.12 14.14 -14.97
C GLY B 34 -21.72 13.45 -13.69
N HIS B 35 -20.48 12.98 -13.59
CA HIS B 35 -20.02 12.28 -12.40
C HIS B 35 -19.38 13.25 -11.41
N THR B 36 -19.48 12.91 -10.13
CA THR B 36 -18.86 13.67 -9.05
C THR B 36 -17.70 12.85 -8.51
N TYR B 37 -16.47 13.25 -8.83
CA TYR B 37 -15.28 12.46 -8.49
C TYR B 37 -14.81 12.82 -7.08
N LEU B 38 -15.48 12.24 -6.09
CA LEU B 38 -15.11 12.43 -4.69
C LEU B 38 -14.94 11.06 -4.04
N ASN B 39 -13.77 10.82 -3.45
CA ASN B 39 -13.45 9.56 -2.81
C ASN B 39 -13.38 9.75 -1.30
N TRP B 40 -13.26 8.62 -0.60
CA TRP B 40 -13.01 8.61 0.84
C TRP B 40 -11.95 7.55 1.12
N LEU B 41 -10.90 7.92 1.83
CA LEU B 41 -9.81 7.01 2.15
C LEU B 41 -9.76 6.78 3.66
N GLN B 42 -9.16 5.65 4.04
CA GLN B 42 -8.97 5.29 5.44
C GLN B 42 -7.56 4.76 5.61
N GLN B 43 -6.89 5.22 6.66
CA GLN B 43 -5.50 4.85 6.94
C GLN B 43 -5.45 4.32 8.37
N ARG B 44 -5.49 2.99 8.51
CA ARG B 44 -5.24 2.38 9.80
C ARG B 44 -3.79 2.60 10.20
N PRO B 45 -3.49 2.65 11.50
CA PRO B 45 -2.12 2.94 11.94
C PRO B 45 -1.11 1.95 11.37
N GLY B 46 -0.02 2.48 10.82
CA GLY B 46 1.00 1.67 10.19
C GLY B 46 0.70 1.25 8.77
N GLN B 47 -0.57 1.26 8.36
CA GLN B 47 -0.99 0.83 7.04
C GLN B 47 -0.96 2.01 6.06
N PRO B 48 -0.84 1.73 4.77
CA PRO B 48 -0.99 2.79 3.77
C PRO B 48 -2.45 3.12 3.54
N PRO B 49 -2.74 4.26 2.92
CA PRO B 49 -4.15 4.61 2.67
C PRO B 49 -4.82 3.64 1.72
N ARG B 50 -6.08 3.31 2.02
CA ARG B 50 -6.89 2.47 1.17
C ARG B 50 -8.22 3.17 0.90
N LEU B 51 -8.86 2.76 -0.19
CA LEU B 51 -10.08 3.41 -0.65
C LEU B 51 -11.31 2.75 -0.02
N LEU B 52 -12.17 3.56 0.57
CA LEU B 52 -13.43 3.09 1.16
C LEU B 52 -14.61 3.30 0.22
N ILE B 53 -14.94 4.55 -0.06
CA ILE B 53 -16.08 4.91 -0.89
C ILE B 53 -15.57 5.77 -2.05
N TYR B 54 -16.01 5.44 -3.26
CA TYR B 54 -15.60 6.17 -4.46
C TYR B 54 -16.82 6.72 -5.17
N SER B 55 -16.63 7.86 -5.83
CA SER B 55 -17.71 8.58 -6.53
C SER B 55 -18.91 8.76 -5.61
N VAL B 56 -18.66 9.46 -4.50
CA VAL B 56 -19.66 9.89 -3.52
C VAL B 56 -20.15 8.72 -2.67
N SER B 57 -20.88 7.79 -3.28
CA SER B 57 -21.69 6.87 -2.49
C SER B 57 -21.47 5.38 -2.81
N ASN B 58 -20.50 5.04 -3.65
CA ASN B 58 -20.28 3.66 -4.05
C ASN B 58 -19.16 3.04 -3.23
N LEU B 59 -19.45 1.92 -2.59
CA LEU B 59 -18.50 1.29 -1.69
C LEU B 59 -17.46 0.47 -2.46
N GLU B 60 -16.33 0.23 -1.80
CA GLU B 60 -15.27 -0.61 -2.33
C GLU B 60 -15.48 -2.05 -1.87
N SER B 61 -15.17 -3.00 -2.76
CA SER B 61 -15.30 -4.40 -2.42
C SER B 61 -14.43 -4.76 -1.23
N GLY B 62 -14.99 -5.50 -0.28
CA GLY B 62 -14.29 -5.81 0.94
C GLY B 62 -14.42 -4.76 2.03
N VAL B 63 -15.41 -3.90 1.95
CA VAL B 63 -15.65 -2.86 2.94
C VAL B 63 -17.06 -3.10 3.50
N PRO B 64 -17.21 -3.21 4.82
CA PRO B 64 -18.54 -3.51 5.37
C PRO B 64 -19.56 -2.44 5.01
N ASP B 65 -20.82 -2.85 4.97
CA ASP B 65 -21.91 -1.97 4.56
C ASP B 65 -22.30 -0.97 5.65
N ARG B 66 -21.65 -1.03 6.82
CA ARG B 66 -21.88 0.00 7.82
C ARG B 66 -21.53 1.37 7.28
N PHE B 67 -20.52 1.45 6.42
CA PHE B 67 -20.14 2.72 5.82
C PHE B 67 -21.19 3.15 4.79
N SER B 68 -21.47 4.46 4.78
CA SER B 68 -22.41 5.04 3.84
C SER B 68 -21.78 6.27 3.19
N GLY B 69 -22.21 6.56 1.97
CA GLY B 69 -21.72 7.72 1.26
C GLY B 69 -22.86 8.57 0.76
N SER B 70 -22.68 9.89 0.84
CA SER B 70 -23.71 10.84 0.43
C SER B 70 -23.03 12.17 0.14
N GLY B 71 -23.81 13.13 -0.35
CA GLY B 71 -23.31 14.45 -0.66
C GLY B 71 -23.71 14.88 -2.06
N ALA B 72 -23.47 16.16 -2.33
CA ALA B 72 -23.78 16.76 -3.62
C ALA B 72 -23.01 18.06 -3.77
N GLY B 73 -22.45 18.27 -4.96
CA GLY B 73 -21.74 19.50 -5.27
C GLY B 73 -20.51 19.74 -4.42
N THR B 74 -20.62 20.62 -3.42
CA THR B 74 -19.50 20.97 -2.56
C THR B 74 -19.60 20.36 -1.17
N ASP B 75 -20.71 19.71 -0.82
CA ASP B 75 -20.92 19.16 0.50
C ASP B 75 -21.05 17.65 0.41
N PHE B 76 -20.35 16.94 1.30
CA PHE B 76 -20.37 15.48 1.31
C PHE B 76 -20.35 15.01 2.76
N THR B 77 -20.71 13.74 2.97
CA THR B 77 -20.76 13.18 4.31
C THR B 77 -20.36 11.71 4.26
N LEU B 78 -19.57 11.29 5.25
CA LEU B 78 -19.23 9.88 5.46
C LEU B 78 -19.98 9.39 6.69
N LYS B 79 -20.70 8.29 6.53
CA LYS B 79 -21.56 7.75 7.59
C LYS B 79 -21.11 6.35 7.97
N ILE B 80 -20.89 6.14 9.27
CA ILE B 80 -20.70 4.82 9.85
C ILE B 80 -21.83 4.62 10.85
N SER B 81 -22.67 3.60 10.61
CA SER B 81 -23.83 3.37 11.47
C SER B 81 -23.47 2.68 12.78
N ARG B 82 -22.36 1.94 12.83
CA ARG B 82 -21.89 1.33 14.06
C ARG B 82 -20.37 1.33 14.04
N VAL B 83 -19.77 1.64 15.18
CA VAL B 83 -18.32 1.77 15.30
C VAL B 83 -17.77 0.50 15.95
N GLU B 84 -16.85 -0.16 15.24
CA GLU B 84 -16.12 -1.30 15.77
C GLU B 84 -14.63 -1.00 15.75
N ALA B 85 -13.86 -1.84 16.45
CA ALA B 85 -12.50 -1.52 16.83
C ALA B 85 -11.56 -1.50 15.63
N GLU B 86 -12.09 -1.76 14.43
CA GLU B 86 -11.31 -1.69 13.20
C GLU B 86 -11.44 -0.35 12.49
N ASP B 87 -12.37 0.51 12.92
CA ASP B 87 -12.56 1.79 12.25
C ASP B 87 -11.65 2.88 12.78
N VAL B 88 -10.89 2.62 13.85
CA VAL B 88 -9.99 3.63 14.39
C VAL B 88 -8.91 3.95 13.37
N GLY B 89 -8.80 5.22 13.00
CA GLY B 89 -7.85 5.63 12.00
C GLY B 89 -8.14 7.03 11.52
N VAL B 90 -7.48 7.42 10.44
CA VAL B 90 -7.62 8.74 9.85
C VAL B 90 -8.35 8.60 8.53
N TYR B 91 -9.28 9.51 8.27
CA TYR B 91 -10.10 9.50 7.07
C TYR B 91 -9.84 10.76 6.25
N TYR B 92 -9.53 10.59 4.97
CA TYR B 92 -9.33 11.69 4.04
C TYR B 92 -10.39 11.64 2.95
N CYS B 93 -10.46 12.71 2.17
CA CYS B 93 -11.32 12.79 0.99
C CYS B 93 -10.52 13.40 -0.15
N MET B 94 -10.65 12.80 -1.34
CA MET B 94 -9.85 13.17 -2.49
C MET B 94 -10.74 13.48 -3.67
N GLN B 95 -10.40 14.54 -4.39
CA GLN B 95 -11.09 14.92 -5.61
C GLN B 95 -10.22 14.61 -6.83
N ALA B 96 -10.89 14.37 -7.96
CA ALA B 96 -10.21 14.05 -9.21
C ALA B 96 -10.80 14.80 -10.40
N THR B 97 -11.70 15.75 -10.17
CA THR B 97 -12.31 16.50 -11.26
C THR B 97 -11.33 17.53 -11.83
N HIS B 98 -11.08 18.61 -11.08
CA HIS B 98 -10.13 19.63 -11.50
C HIS B 98 -8.71 19.12 -11.24
N ALA B 99 -8.29 18.18 -12.07
CA ALA B 99 -7.02 17.50 -11.88
C ALA B 99 -6.26 17.42 -13.20
N PRO B 100 -4.93 17.63 -13.17
CA PRO B 100 -4.12 17.94 -11.98
C PRO B 100 -4.29 19.38 -11.51
N PRO B 101 -3.99 19.66 -10.23
CA PRO B 101 -3.49 18.72 -9.22
C PRO B 101 -4.59 18.07 -8.38
N TYR B 102 -4.30 16.88 -7.87
CA TYR B 102 -5.21 16.17 -6.98
C TYR B 102 -4.98 16.62 -5.54
N THR B 103 -6.07 16.78 -4.79
CA THR B 103 -5.99 17.32 -3.44
C THR B 103 -6.74 16.44 -2.46
N PHE B 104 -6.22 16.41 -1.23
CA PHE B 104 -6.81 15.67 -0.13
C PHE B 104 -7.28 16.63 0.95
N GLY B 105 -7.96 16.06 1.96
CA GLY B 105 -8.26 16.80 3.17
C GLY B 105 -7.18 16.62 4.22
N GLN B 106 -7.31 17.36 5.32
CA GLN B 106 -6.30 17.25 6.37
C GLN B 106 -6.43 15.94 7.13
N GLY B 107 -7.62 15.38 7.23
CA GLY B 107 -7.81 14.11 7.89
C GLY B 107 -8.53 14.20 9.23
N THR B 108 -9.51 13.33 9.44
CA THR B 108 -10.29 13.29 10.67
C THR B 108 -9.94 12.00 11.40
N LYS B 109 -9.09 12.12 12.42
CA LYS B 109 -8.73 10.96 13.23
C LYS B 109 -9.94 10.52 14.05
N LEU B 110 -10.18 9.21 14.07
CA LEU B 110 -11.30 8.63 14.80
C LEU B 110 -10.80 7.85 16.00
N GLU B 111 -11.36 8.14 17.16
CA GLU B 111 -11.05 7.45 18.40
C GLU B 111 -12.31 6.75 18.91
N ILE B 112 -12.12 5.76 19.78
CA ILE B 112 -13.21 4.91 20.24
C ILE B 112 -13.19 4.89 21.77
N LYS B 113 -14.38 4.92 22.37
CA LYS B 113 -14.54 4.74 23.81
C LYS B 113 -14.94 3.29 24.10
N ARG B 114 -14.53 2.79 25.27
CA ARG B 114 -14.80 1.42 25.65
C ARG B 114 -14.81 1.33 27.17
N THR B 115 -14.98 0.11 27.67
CA THR B 115 -14.96 -0.13 29.11
C THR B 115 -13.57 0.12 29.68
N VAL B 116 -13.53 0.48 30.96
CA VAL B 116 -12.26 0.78 31.62
C VAL B 116 -11.50 -0.52 31.83
N ALA B 117 -10.27 -0.58 31.33
CA ALA B 117 -9.42 -1.74 31.43
C ALA B 117 -8.15 -1.39 32.20
N ALA B 118 -7.86 -2.17 33.24
CA ALA B 118 -6.67 -1.93 34.05
C ALA B 118 -5.43 -2.44 33.31
N PRO B 119 -4.29 -1.76 33.46
CA PRO B 119 -3.08 -2.17 32.74
C PRO B 119 -2.32 -3.28 33.46
N SER B 120 -1.61 -4.08 32.67
CA SER B 120 -0.70 -5.08 33.18
C SER B 120 0.70 -4.49 33.26
N VAL B 121 1.32 -4.58 34.43
CA VAL B 121 2.57 -3.89 34.71
C VAL B 121 3.70 -4.91 34.79
N PHE B 122 4.81 -4.59 34.12
CA PHE B 122 6.03 -5.38 34.18
C PHE B 122 7.22 -4.44 34.35
N ILE B 123 8.40 -5.02 34.57
CA ILE B 123 9.61 -4.23 34.73
C ILE B 123 10.81 -5.11 34.36
N PHE B 124 11.78 -4.50 33.68
CA PHE B 124 12.95 -5.21 33.18
C PHE B 124 14.22 -4.56 33.71
N PRO B 125 15.15 -5.33 34.25
CA PRO B 125 16.44 -4.76 34.65
C PRO B 125 17.29 -4.45 33.43
N PRO B 126 18.33 -3.64 33.58
CA PRO B 126 19.22 -3.37 32.44
C PRO B 126 19.99 -4.61 32.04
N SER B 127 20.36 -4.65 30.75
CA SER B 127 21.07 -5.81 30.22
C SER B 127 22.50 -5.81 30.70
N ASP B 128 22.98 -6.98 31.14
CA ASP B 128 24.36 -7.11 31.60
C ASP B 128 25.34 -6.85 30.47
N GLU B 129 24.93 -7.03 29.22
CA GLU B 129 25.74 -6.65 28.07
C GLU B 129 25.67 -5.16 27.77
N GLN B 130 24.73 -4.44 28.39
CA GLN B 130 24.64 -2.99 28.23
C GLN B 130 25.49 -2.24 29.25
N LEU B 131 25.68 -2.81 30.44
CA LEU B 131 26.54 -2.19 31.44
C LEU B 131 27.98 -2.08 30.95
N LYS B 132 28.39 -2.96 30.03
CA LYS B 132 29.71 -2.85 29.42
C LYS B 132 29.81 -1.64 28.51
N SER B 133 28.68 -1.09 28.07
CA SER B 133 28.69 0.11 27.24
C SER B 133 28.66 1.40 28.06
N GLY B 134 28.31 1.33 29.33
CA GLY B 134 28.35 2.47 30.24
C GLY B 134 26.99 2.91 30.76
N THR B 135 25.90 2.55 30.10
CA THR B 135 24.57 3.02 30.46
C THR B 135 23.73 1.86 30.98
N ALA B 136 22.79 2.19 31.87
CA ALA B 136 21.84 1.22 32.42
C ALA B 136 20.43 1.76 32.21
N SER B 137 19.58 0.95 31.57
CA SER B 137 18.23 1.36 31.22
C SER B 137 17.23 0.41 31.85
N VAL B 138 16.38 0.94 32.73
CA VAL B 138 15.30 0.19 33.36
C VAL B 138 14.00 0.54 32.64
N VAL B 139 13.23 -0.48 32.29
CA VAL B 139 12.02 -0.32 31.47
C VAL B 139 10.83 -0.82 32.27
N CYS B 140 9.77 0.00 32.33
CA CYS B 140 8.50 -0.38 32.91
C CYS B 140 7.43 -0.40 31.82
N LEU B 141 6.61 -1.44 31.82
CA LEU B 141 5.68 -1.71 30.72
C LEU B 141 4.25 -1.73 31.24
N LEU B 142 3.37 -0.98 30.56
CA LEU B 142 1.94 -0.97 30.84
C LEU B 142 1.23 -1.52 29.61
N ASN B 143 0.47 -2.59 29.79
CA ASN B 143 -0.10 -3.34 28.67
C ASN B 143 -1.62 -3.26 28.68
N ASN B 144 -2.19 -2.79 27.57
CA ASN B 144 -3.62 -2.83 27.30
C ASN B 144 -4.45 -2.19 28.41
N PHE B 145 -4.62 -0.87 28.34
CA PHE B 145 -5.42 -0.15 29.32
C PHE B 145 -6.30 0.89 28.64
N TYR B 146 -7.37 1.27 29.33
CA TYR B 146 -8.22 2.37 28.93
C TYR B 146 -8.83 3.02 30.17
N PRO B 147 -8.85 4.36 30.25
CA PRO B 147 -8.44 5.31 29.20
C PRO B 147 -6.93 5.50 29.09
N ARG B 148 -6.53 6.31 28.10
CA ARG B 148 -5.12 6.53 27.82
C ARG B 148 -4.37 7.17 28.99
N GLU B 149 -5.09 7.79 29.92
CA GLU B 149 -4.48 8.55 31.00
C GLU B 149 -3.95 7.60 32.07
N ALA B 150 -2.62 7.45 32.13
CA ALA B 150 -1.96 6.64 33.14
C ALA B 150 -0.76 7.40 33.70
N LYS B 151 -0.49 7.19 34.99
CA LYS B 151 0.57 7.89 35.69
C LYS B 151 1.64 6.90 36.11
N VAL B 152 2.88 7.17 35.72
CA VAL B 152 4.02 6.31 36.02
C VAL B 152 5.03 7.10 36.83
N GLN B 153 5.46 6.54 37.96
CA GLN B 153 6.45 7.15 38.82
C GLN B 153 7.54 6.14 39.17
N TRP B 154 8.78 6.61 39.21
CA TRP B 154 9.93 5.78 39.55
C TRP B 154 10.40 6.09 40.97
N LYS B 155 10.77 5.05 41.71
CA LYS B 155 11.30 5.18 43.06
C LYS B 155 12.51 4.29 43.19
N VAL B 156 13.69 4.89 43.28
CA VAL B 156 14.95 4.17 43.42
C VAL B 156 15.36 4.22 44.88
N ASP B 157 15.39 3.05 45.53
CA ASP B 157 15.62 2.94 46.97
C ASP B 157 14.64 3.82 47.74
N ASN B 158 13.37 3.80 47.31
CA ASN B 158 12.32 4.66 47.85
C ASN B 158 12.72 6.13 47.78
N ALA B 159 12.90 6.60 46.55
CA ALA B 159 13.22 8.00 46.28
C ALA B 159 12.59 8.37 44.94
N LEU B 160 11.60 9.25 44.98
CA LEU B 160 10.89 9.64 43.75
C LEU B 160 11.87 10.32 42.79
N GLN B 161 11.98 9.75 41.59
CA GLN B 161 12.92 10.25 40.59
C GLN B 161 12.24 11.24 39.65
N SER B 162 13.07 11.98 38.93
CA SER B 162 12.59 12.95 37.94
C SER B 162 13.76 13.36 37.06
N GLY B 163 13.46 13.66 35.80
CA GLY B 163 14.41 14.18 34.86
C GLY B 163 15.07 13.15 33.97
N ASN B 164 15.19 11.91 34.44
CA ASN B 164 15.89 10.85 33.71
C ASN B 164 14.93 9.76 33.23
N SER B 165 13.71 10.12 32.87
CA SER B 165 12.73 9.17 32.37
C SER B 165 12.11 9.69 31.07
N GLN B 166 11.94 8.78 30.12
CA GLN B 166 11.27 9.08 28.85
C GLN B 166 10.18 8.05 28.63
N GLU B 167 9.06 8.49 28.08
CA GLU B 167 7.92 7.60 27.86
C GLU B 167 7.27 7.90 26.52
N SER B 168 6.77 6.84 25.90
CA SER B 168 5.94 6.93 24.70
C SER B 168 4.74 6.01 24.86
N VAL B 169 3.70 6.26 24.07
CA VAL B 169 2.46 5.51 24.15
C VAL B 169 2.10 5.01 22.77
N THR B 170 1.32 3.93 22.73
CA THR B 170 0.87 3.34 21.49
C THR B 170 -0.48 3.91 21.09
N GLU B 171 -0.71 3.94 19.78
CA GLU B 171 -2.02 4.30 19.25
C GLU B 171 -3.04 3.22 19.63
N GLN B 172 -4.32 3.56 19.47
CA GLN B 172 -5.38 2.63 19.84
C GLN B 172 -5.29 1.37 18.99
N ASP B 173 -5.37 0.22 19.65
CA ASP B 173 -5.27 -1.06 18.96
C ASP B 173 -6.46 -1.28 18.04
N SER B 174 -6.25 -2.08 17.00
CA SER B 174 -7.30 -2.36 16.02
C SER B 174 -8.17 -3.55 16.38
N LYS B 175 -7.95 -4.18 17.54
CA LYS B 175 -8.77 -5.31 17.97
C LYS B 175 -9.55 -4.99 19.24
N ASP B 176 -8.87 -4.61 20.32
CA ASP B 176 -9.52 -4.27 21.58
C ASP B 176 -9.54 -2.78 21.86
N SER B 177 -8.95 -1.97 20.97
CA SER B 177 -8.97 -0.51 21.09
C SER B 177 -8.45 -0.03 22.44
N THR B 178 -7.31 -0.58 22.85
CA THR B 178 -6.65 -0.19 24.08
C THR B 178 -5.25 0.33 23.76
N TYR B 179 -4.67 1.03 24.72
CA TYR B 179 -3.36 1.63 24.57
C TYR B 179 -2.34 0.90 25.44
N SER B 180 -1.07 1.14 25.14
CA SER B 180 0.04 0.55 25.90
C SER B 180 1.13 1.59 26.07
N LEU B 181 1.73 1.63 27.26
CA LEU B 181 2.69 2.65 27.62
C LEU B 181 4.05 2.02 27.88
N SER B 182 5.10 2.81 27.69
CA SER B 182 6.48 2.36 27.85
C SER B 182 7.30 3.48 28.50
N SER B 183 7.74 3.26 29.73
CA SER B 183 8.66 4.17 30.40
C SER B 183 10.06 3.58 30.41
N THR B 184 11.05 4.47 30.55
CA THR B 184 12.45 4.03 30.51
C THR B 184 13.27 4.95 31.41
N LEU B 185 13.63 4.44 32.60
CA LEU B 185 14.57 5.14 33.47
C LEU B 185 15.99 4.81 33.03
N THR B 186 16.79 5.85 32.78
CA THR B 186 18.11 5.71 32.20
C THR B 186 19.15 6.33 33.12
N LEU B 187 20.13 5.53 33.54
CA LEU B 187 21.21 5.97 34.40
C LEU B 187 22.54 5.50 33.83
N SER B 188 23.62 6.12 34.29
CA SER B 188 24.96 5.62 33.99
C SER B 188 25.27 4.43 34.89
N LYS B 189 26.26 3.63 34.46
CA LYS B 189 26.59 2.41 35.19
C LYS B 189 27.00 2.70 36.62
N ALA B 190 27.77 3.77 36.84
CA ALA B 190 28.22 4.10 38.19
C ALA B 190 27.05 4.54 39.06
N ASP B 191 26.15 5.37 38.52
CA ASP B 191 24.99 5.81 39.29
C ASP B 191 24.01 4.66 39.51
N TYR B 192 23.86 3.76 38.54
CA TYR B 192 23.03 2.59 38.72
C TYR B 192 23.63 1.63 39.74
N GLU B 193 24.95 1.64 39.88
CA GLU B 193 25.63 0.80 40.85
C GLU B 193 25.58 1.35 42.27
N LYS B 194 25.01 2.54 42.46
CA LYS B 194 24.97 3.19 43.77
C LYS B 194 23.63 3.00 44.48
N HIS B 195 22.78 2.09 43.99
CA HIS B 195 21.49 1.85 44.61
C HIS B 195 21.14 0.37 44.44
N LYS B 196 19.92 0.00 44.86
CA LYS B 196 19.52 -1.39 44.84
C LYS B 196 18.06 -1.56 44.41
N VAL B 197 17.14 -0.96 45.15
CA VAL B 197 15.71 -1.13 44.90
C VAL B 197 15.28 -0.19 43.79
N TYR B 198 14.76 -0.74 42.70
CA TYR B 198 14.21 0.02 41.58
C TYR B 198 12.75 -0.40 41.40
N ALA B 199 11.85 0.57 41.45
CA ALA B 199 10.41 0.31 41.46
C ALA B 199 9.72 1.00 40.29
N CYS B 200 8.40 0.81 40.21
CA CYS B 200 7.57 1.44 39.18
C CYS B 200 6.15 1.44 39.69
N GLU B 201 5.62 2.62 40.03
CA GLU B 201 4.29 2.77 40.59
C GLU B 201 3.35 3.32 39.52
N VAL B 202 2.35 2.53 39.16
CA VAL B 202 1.39 2.88 38.11
C VAL B 202 0.05 3.23 38.75
N THR B 203 -0.49 4.39 38.41
CA THR B 203 -1.79 4.84 38.89
C THR B 203 -2.73 4.98 37.71
N HIS B 204 -3.86 4.26 37.75
CA HIS B 204 -4.82 4.28 36.66
C HIS B 204 -6.22 4.26 37.24
N GLN B 205 -7.18 4.76 36.46
CA GLN B 205 -8.57 4.79 36.91
C GLN B 205 -9.09 3.39 37.19
N GLY B 206 -8.66 2.40 36.40
CA GLY B 206 -9.09 1.03 36.59
C GLY B 206 -8.41 0.29 37.71
N LEU B 207 -7.41 0.90 38.36
CA LEU B 207 -6.72 0.31 39.48
C LEU B 207 -7.23 0.95 40.77
N SER B 208 -7.73 0.12 41.68
CA SER B 208 -8.27 0.63 42.95
C SER B 208 -7.19 1.32 43.76
N SER B 209 -5.94 0.92 43.60
CA SER B 209 -4.81 1.54 44.28
C SER B 209 -3.59 1.44 43.37
N PRO B 210 -2.61 2.31 43.54
CA PRO B 210 -1.39 2.23 42.72
C PRO B 210 -0.70 0.89 42.88
N VAL B 211 -0.36 0.28 41.74
CA VAL B 211 0.30 -1.03 41.68
C VAL B 211 1.79 -0.82 41.47
N THR B 212 2.60 -1.58 42.19
CA THR B 212 4.05 -1.45 42.16
C THR B 212 4.68 -2.75 41.68
N LYS B 213 5.63 -2.63 40.75
CA LYS B 213 6.49 -3.73 40.33
C LYS B 213 7.93 -3.29 40.50
N SER B 214 8.72 -4.07 41.23
CA SER B 214 10.07 -3.67 41.59
C SER B 214 11.01 -4.87 41.53
N PHE B 215 12.29 -4.56 41.41
CA PHE B 215 13.35 -5.57 41.45
C PHE B 215 14.53 -5.01 42.24
N ASN B 216 15.49 -5.89 42.53
CA ASN B 216 16.71 -5.53 43.22
C ASN B 216 17.90 -5.85 42.35
N ARG B 217 18.87 -4.94 42.29
CA ARG B 217 20.03 -5.10 41.42
C ARG B 217 20.86 -6.29 41.88
N GLY B 218 21.05 -7.26 41.00
CA GLY B 218 21.86 -8.43 41.29
C GLY B 218 21.07 -9.67 41.66
N GLU B 219 19.76 -9.56 41.87
CA GLU B 219 18.95 -10.71 42.26
C GLU B 219 18.73 -11.65 41.08
N GLN C 1 -1.06 -11.62 -6.20
CA GLN C 1 -1.87 -10.84 -7.12
C GLN C 1 -1.20 -9.49 -7.40
N VAL C 2 -1.96 -8.41 -7.20
CA VAL C 2 -1.47 -7.06 -7.48
C VAL C 2 -0.56 -6.62 -6.35
N GLN C 3 0.62 -6.12 -6.69
CA GLN C 3 1.60 -5.70 -5.70
C GLN C 3 2.36 -4.47 -6.18
N LEU C 4 2.61 -3.55 -5.26
CA LEU C 4 3.42 -2.36 -5.50
C LEU C 4 4.43 -2.25 -4.37
N GLN C 5 5.72 -2.23 -4.71
CA GLN C 5 6.78 -2.17 -3.72
C GLN C 5 7.82 -1.14 -4.14
N GLU C 6 7.98 -0.09 -3.34
CA GLU C 6 8.95 0.96 -3.59
C GLU C 6 10.29 0.59 -2.97
N SER C 7 11.34 1.28 -3.41
CA SER C 7 12.69 1.07 -2.91
C SER C 7 13.56 2.23 -3.35
N GLY C 8 14.43 2.67 -2.44
CA GLY C 8 15.35 3.76 -2.74
C GLY C 8 15.49 4.76 -1.62
N GLY C 9 14.70 4.61 -0.57
CA GLY C 9 14.75 5.52 0.55
C GLY C 9 16.03 5.39 1.35
N GLY C 10 16.17 6.28 2.33
CA GLY C 10 17.34 6.30 3.18
C GLY C 10 17.63 7.72 3.63
N LEU C 11 18.89 7.97 3.97
CA LEU C 11 19.35 9.28 4.40
C LEU C 11 20.10 9.96 3.27
N VAL C 12 19.72 11.20 2.98
CA VAL C 12 20.33 12.00 1.92
C VAL C 12 20.50 13.42 2.42
N LYS C 13 21.69 13.98 2.21
CA LYS C 13 21.97 15.32 2.68
C LYS C 13 21.12 16.34 1.93
N PRO C 14 20.83 17.49 2.55
CA PRO C 14 20.04 18.52 1.87
C PRO C 14 20.74 18.99 0.60
N GLY C 15 19.92 19.43 -0.37
CA GLY C 15 20.46 19.79 -1.67
C GLY C 15 21.08 18.64 -2.42
N GLY C 16 20.78 17.41 -2.03
CA GLY C 16 21.39 16.25 -2.65
C GLY C 16 20.59 15.68 -3.80
N SER C 17 20.51 14.34 -3.86
CA SER C 17 19.88 13.67 -4.98
C SER C 17 19.46 12.28 -4.54
N LEU C 18 18.40 11.76 -5.17
CA LEU C 18 17.93 10.41 -4.87
C LEU C 18 17.03 9.94 -6.01
N ARG C 19 17.00 8.63 -6.21
CA ARG C 19 16.24 7.99 -7.27
C ARG C 19 15.49 6.80 -6.69
N LEU C 20 14.19 6.93 -6.53
CA LEU C 20 13.38 5.83 -6.02
C LEU C 20 12.90 4.95 -7.18
N SER C 21 12.57 3.71 -6.85
CA SER C 21 12.07 2.75 -7.83
C SER C 21 10.89 2.01 -7.25
N CYS C 22 9.81 1.90 -8.03
CA CYS C 22 8.59 1.20 -7.63
C CYS C 22 8.33 0.11 -8.66
N ALA C 23 8.41 -1.15 -8.22
CA ALA C 23 8.21 -2.30 -9.08
C ALA C 23 6.81 -2.85 -8.87
N ALA C 24 6.07 -3.03 -9.98
CA ALA C 24 4.69 -3.46 -9.94
C ALA C 24 4.56 -4.87 -10.53
N SER C 25 3.44 -5.52 -10.19
CA SER C 25 3.11 -6.83 -10.71
C SER C 25 1.65 -7.17 -10.42
N GLY C 26 0.88 -7.51 -11.45
CA GLY C 26 -0.50 -7.92 -11.24
C GLY C 26 -1.49 -7.35 -12.22
N PHE C 27 -1.12 -6.28 -12.93
CA PHE C 27 -2.02 -5.63 -13.87
C PHE C 27 -1.25 -5.27 -15.13
N THR C 28 -1.97 -4.67 -16.08
CA THR C 28 -1.37 -4.22 -17.33
C THR C 28 -0.64 -2.90 -17.09
N PHE C 29 0.69 -2.94 -17.14
CA PHE C 29 1.49 -1.76 -16.80
C PHE C 29 1.59 -0.77 -17.95
N SER C 30 1.69 -1.24 -19.19
CA SER C 30 1.79 -0.36 -20.36
C SER C 30 0.57 0.53 -20.56
N HIS C 31 -0.47 0.43 -19.73
CA HIS C 31 -1.67 1.23 -19.89
C HIS C 31 -2.08 1.97 -18.62
N ALA C 32 -1.43 1.71 -17.49
CA ALA C 32 -1.84 2.24 -16.20
C ALA C 32 -1.18 3.59 -15.95
N TRP C 33 -1.95 4.50 -15.34
CA TRP C 33 -1.41 5.77 -14.88
C TRP C 33 -0.90 5.62 -13.46
N MET C 34 0.34 6.04 -13.23
CA MET C 34 1.02 5.85 -11.95
C MET C 34 1.29 7.19 -11.30
N HIS C 35 1.07 7.26 -9.99
CA HIS C 35 1.25 8.49 -9.24
C HIS C 35 2.19 8.25 -8.06
N TRP C 36 2.81 9.34 -7.60
CA TRP C 36 3.60 9.35 -6.38
C TRP C 36 2.96 10.31 -5.39
N VAL C 37 2.84 9.88 -4.14
CA VAL C 37 2.24 10.68 -3.07
C VAL C 37 3.09 10.48 -1.82
N ARG C 38 3.35 11.58 -1.11
CA ARG C 38 4.19 11.55 0.08
C ARG C 38 3.41 12.02 1.30
N GLN C 39 3.85 11.55 2.47
CA GLN C 39 3.23 11.89 3.75
C GLN C 39 4.33 12.21 4.76
N ALA C 40 4.43 13.49 5.13
CA ALA C 40 5.45 13.91 6.06
C ALA C 40 5.12 13.41 7.48
N PRO C 41 6.14 13.22 8.32
CA PRO C 41 5.88 12.72 9.69
C PRO C 41 4.90 13.61 10.43
N GLY C 42 3.81 13.00 10.89
CA GLY C 42 2.76 13.76 11.57
C GLY C 42 2.00 14.71 10.68
N LYS C 43 1.91 14.42 9.39
CA LYS C 43 1.22 15.29 8.44
C LYS C 43 0.17 14.52 7.66
N GLY C 44 -0.38 15.15 6.62
CA GLY C 44 -1.38 14.56 5.77
C GLY C 44 -0.80 13.95 4.51
N LEU C 45 -1.60 13.95 3.45
CA LEU C 45 -1.20 13.39 2.16
C LEU C 45 -1.03 14.51 1.13
N GLU C 46 0.04 14.44 0.37
CA GLU C 46 0.34 15.41 -0.68
C GLU C 46 0.66 14.69 -1.97
N TRP C 47 -0.12 14.95 -3.01
CA TRP C 47 0.17 14.41 -4.33
C TRP C 47 1.42 15.07 -4.90
N VAL C 48 2.27 14.27 -5.53
CA VAL C 48 3.57 14.72 -6.02
C VAL C 48 3.60 14.79 -7.54
N GLY C 49 3.14 13.74 -8.21
CA GLY C 49 3.14 13.75 -9.65
C GLY C 49 2.66 12.43 -10.22
N GLN C 50 2.23 12.49 -11.49
CA GLN C 50 1.73 11.33 -12.20
C GLN C 50 2.46 11.21 -13.53
N ILE C 51 2.31 10.04 -14.16
CA ILE C 51 2.86 9.76 -15.48
C ILE C 51 1.86 8.88 -16.22
N LYS C 52 1.93 8.92 -17.55
CA LYS C 52 0.97 8.19 -18.37
C LYS C 52 1.65 7.12 -19.22
N ALA C 53 0.97 6.64 -20.26
CA ALA C 53 1.43 5.55 -21.09
C ALA C 53 2.04 6.10 -22.38
N LYS C 54 2.32 5.19 -23.33
CA LYS C 54 2.92 5.60 -24.59
C LYS C 54 1.93 6.31 -25.51
N SER C 55 0.62 6.06 -25.33
CA SER C 55 -0.37 6.76 -26.15
C SER C 55 -0.37 8.25 -25.85
N ASP C 56 -0.24 8.62 -24.58
CA ASP C 56 -0.12 10.00 -24.17
C ASP C 56 1.32 10.50 -24.16
N ASP C 57 2.24 9.71 -24.72
CA ASP C 57 3.66 10.07 -24.84
C ASP C 57 4.30 10.28 -23.47
N TYR C 58 3.92 9.45 -22.50
CA TYR C 58 4.51 9.45 -21.16
C TYR C 58 4.44 10.84 -20.53
N ALA C 59 3.30 11.50 -20.70
CA ALA C 59 3.14 12.87 -20.20
C ALA C 59 3.17 12.90 -18.68
N THR C 60 3.98 13.79 -18.12
CA THR C 60 4.13 13.94 -16.69
C THR C 60 3.50 15.24 -16.22
N TYR C 61 3.03 15.24 -14.97
CA TYR C 61 2.51 16.42 -14.31
C TYR C 61 3.02 16.42 -12.87
N TYR C 62 3.31 17.60 -12.34
CA TYR C 62 3.91 17.72 -11.02
C TYR C 62 3.20 18.79 -10.21
N ALA C 63 3.13 18.57 -8.91
CA ALA C 63 2.66 19.61 -8.01
C ALA C 63 3.72 20.70 -7.91
N GLU C 64 3.25 21.94 -7.71
CA GLU C 64 4.17 23.08 -7.70
C GLU C 64 5.19 23.01 -6.57
N SER C 65 4.95 22.18 -5.55
CA SER C 65 5.89 22.04 -4.46
C SER C 65 7.17 21.34 -4.89
N VAL C 66 7.13 20.55 -5.96
CA VAL C 66 8.27 19.76 -6.39
C VAL C 66 8.63 20.00 -7.85
N LYS C 67 7.93 20.89 -8.55
CA LYS C 67 8.16 21.06 -9.98
C LYS C 67 9.55 21.63 -10.23
N GLY C 68 10.23 21.07 -11.23
CA GLY C 68 11.58 21.46 -11.57
C GLY C 68 12.66 20.72 -10.80
N ARG C 69 12.31 20.03 -9.72
CA ARG C 69 13.28 19.31 -8.91
C ARG C 69 13.09 17.80 -8.90
N PHE C 70 11.88 17.31 -9.18
CA PHE C 70 11.60 15.88 -9.22
C PHE C 70 11.35 15.46 -10.66
N THR C 71 11.72 14.22 -10.99
CA THR C 71 11.57 13.69 -12.34
C THR C 71 11.02 12.27 -12.25
N ILE C 72 9.89 12.04 -12.92
CA ILE C 72 9.21 10.75 -12.90
C ILE C 72 9.58 9.97 -14.15
N SER C 73 10.00 8.72 -13.97
CA SER C 73 10.36 7.84 -15.07
C SER C 73 9.57 6.56 -14.95
N ARG C 74 9.53 5.81 -16.05
CA ARG C 74 8.91 4.49 -16.04
C ARG C 74 9.58 3.63 -17.11
N ASP C 75 9.79 2.36 -16.79
CA ASP C 75 10.37 1.39 -17.71
C ASP C 75 9.33 0.30 -17.93
N ASP C 76 8.58 0.42 -19.03
CA ASP C 76 7.49 -0.50 -19.29
C ASP C 76 7.97 -1.93 -19.48
N SER C 77 9.22 -2.11 -19.93
CA SER C 77 9.77 -3.45 -20.11
C SER C 77 10.08 -4.13 -18.78
N LYS C 78 10.24 -3.37 -17.71
CA LYS C 78 10.52 -3.93 -16.39
C LYS C 78 9.40 -3.69 -15.39
N ASN C 79 8.31 -3.03 -15.80
CA ASN C 79 7.19 -2.71 -14.92
C ASN C 79 7.65 -1.94 -13.69
N THR C 80 8.59 -1.02 -13.89
CA THR C 80 9.23 -0.28 -12.81
C THR C 80 8.96 1.21 -12.95
N LEU C 81 8.60 1.85 -11.84
CA LEU C 81 8.31 3.27 -11.79
C LEU C 81 9.38 3.98 -10.97
N TYR C 82 9.83 5.13 -11.43
CA TYR C 82 10.95 5.82 -10.80
C TYR C 82 10.56 7.22 -10.36
N LEU C 83 11.38 7.77 -9.46
CA LEU C 83 11.26 9.16 -9.03
C LEU C 83 12.67 9.65 -8.71
N GLN C 84 13.27 10.39 -9.64
CA GLN C 84 14.59 11.00 -9.46
C GLN C 84 14.39 12.39 -8.88
N MET C 85 14.71 12.56 -7.59
CA MET C 85 14.59 13.84 -6.91
C MET C 85 15.97 14.41 -6.67
N ASN C 86 16.25 15.54 -7.31
CA ASN C 86 17.47 16.32 -7.07
C ASN C 86 17.11 17.60 -6.34
N SER C 87 18.13 18.26 -5.79
CA SER C 87 17.96 19.48 -5.00
C SER C 87 16.96 19.27 -3.88
N LEU C 88 17.24 18.26 -3.06
CA LEU C 88 16.34 17.90 -1.98
C LEU C 88 16.42 18.93 -0.84
N LYS C 89 15.31 19.09 -0.15
CA LYS C 89 15.20 20.00 0.98
C LYS C 89 14.67 19.23 2.19
N THR C 90 14.78 19.87 3.37
CA THR C 90 14.34 19.21 4.60
C THR C 90 12.81 19.09 4.67
N GLU C 91 12.08 19.84 3.85
CA GLU C 91 10.63 19.66 3.80
C GLU C 91 10.25 18.33 3.16
N ASP C 92 11.09 17.82 2.25
CA ASP C 92 10.82 16.60 1.53
C ASP C 92 10.92 15.35 2.40
N THR C 93 11.34 15.48 3.65
CA THR C 93 11.38 14.35 4.57
C THR C 93 9.97 13.79 4.75
N ALA C 94 9.69 12.65 4.12
CA ALA C 94 8.34 12.09 4.14
C ALA C 94 8.39 10.63 3.71
N VAL C 95 7.27 9.95 3.88
CA VAL C 95 7.08 8.59 3.37
C VAL C 95 6.48 8.70 1.99
N TYR C 96 7.23 8.27 0.97
CA TYR C 96 6.79 8.38 -0.41
C TYR C 96 6.05 7.11 -0.82
N TYR C 97 4.81 7.29 -1.27
CA TYR C 97 3.94 6.18 -1.62
C TYR C 97 3.84 6.02 -3.14
N CYS C 98 3.87 4.78 -3.58
CA CYS C 98 3.57 4.42 -4.97
C CYS C 98 2.11 4.00 -5.04
N THR C 99 1.39 4.55 -6.01
CA THR C 99 -0.04 4.27 -6.13
C THR C 99 -0.44 4.19 -7.60
N CYS C 100 -1.48 3.39 -7.86
CA CYS C 100 -2.05 3.24 -9.19
C CYS C 100 -3.50 3.68 -9.12
N TRP C 101 -3.82 4.79 -9.77
CA TRP C 101 -5.17 5.33 -9.79
C TRP C 101 -5.80 5.05 -11.14
N GLU C 102 -6.88 4.26 -11.12
CA GLU C 102 -7.54 3.84 -12.35
C GLU C 102 -8.98 3.47 -12.01
N TRP C 103 -9.84 3.54 -13.01
CA TRP C 103 -11.22 3.09 -12.82
C TRP C 103 -11.28 1.60 -12.52
N ASP C 104 -10.34 0.83 -13.07
CA ASP C 104 -10.28 -0.60 -12.77
C ASP C 104 -10.03 -0.83 -11.28
N LEU C 105 -8.99 -0.20 -10.75
CA LEU C 105 -8.52 -0.51 -9.41
C LEU C 105 -7.85 0.70 -8.81
N ASP C 106 -7.83 0.73 -7.48
CA ASP C 106 -7.08 1.71 -6.69
C ASP C 106 -6.17 0.94 -5.74
N PHE C 107 -4.87 1.14 -5.86
CA PHE C 107 -3.92 0.37 -5.05
C PHE C 107 -2.75 1.25 -4.63
N TRP C 108 -2.40 1.19 -3.35
CA TRP C 108 -1.29 1.94 -2.78
C TRP C 108 -0.21 0.98 -2.30
N GLY C 109 1.04 1.37 -2.49
CA GLY C 109 2.16 0.58 -2.03
C GLY C 109 2.37 0.71 -0.53
N GLN C 110 3.48 0.14 -0.06
CA GLN C 110 3.81 0.17 1.36
C GLN C 110 4.60 1.41 1.76
N GLY C 111 5.25 2.08 0.82
CA GLY C 111 5.94 3.32 1.12
C GLY C 111 7.37 3.11 1.56
N THR C 112 8.21 4.09 1.23
CA THR C 112 9.61 4.10 1.65
C THR C 112 9.93 5.48 2.22
N MET C 113 10.82 5.50 3.21
CA MET C 113 11.11 6.69 3.99
C MET C 113 12.34 7.40 3.42
N VAL C 114 12.16 8.68 3.05
CA VAL C 114 13.26 9.54 2.64
C VAL C 114 13.43 10.60 3.72
N THR C 115 14.60 10.63 4.34
CA THR C 115 14.90 11.56 5.42
C THR C 115 16.02 12.49 4.97
N VAL C 116 15.77 13.79 5.02
CA VAL C 116 16.72 14.81 4.58
C VAL C 116 17.26 15.51 5.82
N SER C 117 18.54 15.34 6.08
CA SER C 117 19.20 15.99 7.21
C SER C 117 20.71 15.94 6.98
N SER C 118 21.44 16.71 7.79
CA SER C 118 22.89 16.79 7.68
C SER C 118 23.61 15.92 8.69
N ALA C 119 22.91 15.32 9.64
CA ALA C 119 23.55 14.46 10.62
C ALA C 119 23.95 13.13 9.99
N SER C 120 24.99 12.52 10.56
CA SER C 120 25.49 11.25 10.04
C SER C 120 24.60 10.10 10.51
N THR C 121 24.61 9.02 9.72
CA THR C 121 23.87 7.82 10.08
C THR C 121 24.58 7.09 11.20
N LYS C 122 23.79 6.55 12.14
CA LYS C 122 24.32 5.69 13.19
C LYS C 122 23.45 4.45 13.31
N GLY C 123 24.09 3.29 13.38
CA GLY C 123 23.38 2.04 13.55
C GLY C 123 22.96 1.84 14.99
N PRO C 124 21.82 1.18 15.19
CA PRO C 124 21.29 1.01 16.54
C PRO C 124 21.97 -0.12 17.30
N SER C 125 21.81 -0.07 18.62
CA SER C 125 22.28 -1.12 19.52
C SER C 125 21.07 -1.81 20.14
N VAL C 126 21.04 -3.14 20.05
CA VAL C 126 19.91 -3.94 20.49
C VAL C 126 20.29 -4.64 21.80
N PHE C 127 19.47 -4.44 22.83
CA PHE C 127 19.67 -5.08 24.12
C PHE C 127 18.42 -5.87 24.50
N PRO C 128 18.59 -7.07 25.08
CA PRO C 128 17.42 -7.91 25.39
C PRO C 128 16.79 -7.50 26.72
N LEU C 129 15.48 -7.25 26.68
CA LEU C 129 14.72 -6.98 27.89
C LEU C 129 14.42 -8.30 28.58
N ALA C 130 15.36 -8.77 29.39
CA ALA C 130 15.19 -10.03 30.10
C ALA C 130 14.46 -9.80 31.41
N PRO C 131 13.34 -10.48 31.66
CA PRO C 131 12.66 -10.31 32.94
C PRO C 131 13.49 -10.84 34.10
N SER C 132 13.30 -10.24 35.26
CA SER C 132 14.07 -10.60 36.44
C SER C 132 13.62 -11.95 36.98
N SER C 133 14.27 -12.38 38.07
CA SER C 133 13.95 -13.66 38.68
C SER C 133 12.56 -13.67 39.30
N LYS C 134 11.97 -12.51 39.56
CA LYS C 134 10.63 -12.41 40.14
C LYS C 134 9.62 -12.29 39.00
N SER C 135 9.17 -13.44 38.50
CA SER C 135 8.10 -13.48 37.51
C SER C 135 6.78 -13.34 38.25
N THR C 136 6.46 -12.09 38.61
CA THR C 136 5.33 -11.80 39.48
C THR C 136 3.99 -12.18 38.88
N SER C 137 3.92 -12.40 37.57
CA SER C 137 2.67 -12.80 36.94
C SER C 137 2.56 -14.33 36.89
N GLY C 138 1.38 -14.80 36.49
CA GLY C 138 1.15 -16.22 36.32
C GLY C 138 0.69 -16.55 34.92
N GLY C 139 1.42 -17.45 34.26
CA GLY C 139 1.09 -17.78 32.88
C GLY C 139 1.58 -16.71 31.92
N THR C 140 1.04 -15.50 32.04
CA THR C 140 1.41 -14.42 31.15
C THR C 140 2.77 -13.84 31.56
N ALA C 141 3.69 -13.80 30.60
CA ALA C 141 5.01 -13.20 30.80
C ALA C 141 5.31 -12.25 29.66
N ALA C 142 6.22 -11.31 29.92
CA ALA C 142 6.57 -10.28 28.96
C ALA C 142 8.08 -10.28 28.75
N LEU C 143 8.50 -10.22 27.50
CA LEU C 143 9.90 -10.09 27.16
C LEU C 143 10.00 -9.26 25.89
N GLY C 144 11.21 -8.78 25.60
CA GLY C 144 11.41 -7.97 24.42
C GLY C 144 12.86 -7.59 24.26
N CYS C 145 13.10 -6.67 23.33
CA CYS C 145 14.43 -6.14 23.09
C CYS C 145 14.31 -4.66 22.80
N LEU C 146 15.28 -3.88 23.28
CA LEU C 146 15.25 -2.43 23.15
C LEU C 146 16.28 -1.98 22.13
N VAL C 147 15.88 -1.05 21.26
CA VAL C 147 16.75 -0.46 20.26
C VAL C 147 17.21 0.89 20.79
N LYS C 148 18.48 1.24 20.54
CA LYS C 148 19.05 2.41 21.20
C LYS C 148 20.05 3.09 20.28
N ASP C 149 20.03 4.43 20.31
CA ASP C 149 21.04 5.28 19.68
C ASP C 149 21.13 5.02 18.17
N TYR C 150 20.11 5.49 17.46
CA TYR C 150 20.09 5.37 16.01
C TYR C 150 19.48 6.63 15.40
N PHE C 151 19.83 6.86 14.14
CA PHE C 151 19.34 7.99 13.35
C PHE C 151 19.67 7.71 11.88
N PRO C 152 18.70 7.83 10.96
CA PRO C 152 17.31 8.28 11.07
C PRO C 152 16.37 7.31 11.81
N GLU C 153 15.09 7.67 11.83
CA GLU C 153 14.06 6.95 12.57
C GLU C 153 13.58 5.65 11.94
N PRO C 154 13.32 5.58 10.59
CA PRO C 154 12.72 4.36 10.02
C PRO C 154 13.49 3.09 10.39
N VAL C 155 13.14 2.49 11.53
CA VAL C 155 13.76 1.26 12.01
C VAL C 155 12.67 0.20 12.14
N THR C 156 12.92 -0.99 11.60
CA THR C 156 11.96 -2.07 11.58
C THR C 156 12.30 -3.13 12.63
N VAL C 157 11.26 -3.70 13.22
CA VAL C 157 11.40 -4.77 14.21
C VAL C 157 10.36 -5.84 13.92
N SER C 158 10.82 -7.07 13.68
CA SER C 158 9.93 -8.21 13.47
C SER C 158 10.39 -9.37 14.34
N TRP C 159 9.44 -10.04 14.98
CA TRP C 159 9.73 -11.13 15.90
C TRP C 159 9.61 -12.48 15.20
N ASN C 160 10.64 -13.31 15.35
CA ASN C 160 10.69 -14.64 14.74
C ASN C 160 10.48 -14.56 13.23
N SER C 161 11.05 -13.53 12.61
CA SER C 161 10.98 -13.31 11.16
C SER C 161 9.55 -13.16 10.66
N GLY C 162 8.61 -12.87 11.55
CA GLY C 162 7.21 -12.70 11.20
C GLY C 162 6.27 -13.72 11.81
N ALA C 163 6.80 -14.85 12.29
CA ALA C 163 5.95 -15.91 12.85
C ALA C 163 5.32 -15.54 14.19
N LEU C 164 5.59 -14.35 14.72
CA LEU C 164 5.07 -13.91 16.01
C LEU C 164 4.52 -12.49 15.85
N THR C 165 3.21 -12.35 15.95
CA THR C 165 2.57 -11.06 15.75
C THR C 165 1.56 -10.73 16.83
N SER C 166 0.89 -11.76 17.36
CA SER C 166 -0.16 -11.54 18.36
C SER C 166 0.46 -11.12 19.68
N GLY C 167 0.06 -9.95 20.17
CA GLY C 167 0.56 -9.45 21.44
C GLY C 167 1.84 -8.64 21.35
N VAL C 168 2.22 -8.20 20.16
CA VAL C 168 3.47 -7.46 19.95
C VAL C 168 3.17 -5.98 19.97
N HIS C 169 3.99 -5.22 20.71
CA HIS C 169 3.89 -3.77 20.76
C HIS C 169 5.24 -3.17 20.36
N THR C 170 5.25 -2.45 19.25
CA THR C 170 6.43 -1.74 18.77
C THR C 170 6.16 -0.25 19.00
N PHE C 171 6.64 0.26 20.13
CA PHE C 171 6.30 1.61 20.58
C PHE C 171 6.83 2.66 19.60
N PRO C 172 6.24 3.85 19.61
CA PRO C 172 6.84 4.97 18.87
C PRO C 172 8.16 5.38 19.48
N ALA C 173 9.10 5.78 18.63
CA ALA C 173 10.44 6.13 19.07
C ALA C 173 10.45 7.48 19.76
N VAL C 174 11.31 7.60 20.78
CA VAL C 174 11.50 8.85 21.50
C VAL C 174 12.76 9.52 20.95
N LEU C 175 12.85 10.83 21.14
CA LEU C 175 14.04 11.60 20.80
C LEU C 175 14.84 11.83 22.08
N GLN C 176 16.10 11.41 22.08
CA GLN C 176 16.94 11.54 23.25
C GLN C 176 17.70 12.87 23.23
N SER C 177 18.46 13.11 24.29
CA SER C 177 19.15 14.40 24.43
C SER C 177 20.23 14.57 23.36
N SER C 178 20.85 13.48 22.91
CA SER C 178 21.93 13.54 21.94
C SER C 178 21.43 13.51 20.50
N GLY C 179 20.16 13.84 20.27
CA GLY C 179 19.59 13.78 18.94
C GLY C 179 19.34 12.39 18.41
N LEU C 180 19.61 11.35 19.21
CA LEU C 180 19.42 9.96 18.79
C LEU C 180 18.04 9.47 19.21
N TYR C 181 17.53 8.50 18.46
CA TYR C 181 16.24 7.90 18.76
C TYR C 181 16.42 6.65 19.61
N SER C 182 15.41 6.36 20.43
CA SER C 182 15.37 5.15 21.24
C SER C 182 14.02 4.48 21.07
N LEU C 183 14.02 3.15 21.00
CA LEU C 183 12.82 2.39 20.71
C LEU C 183 12.93 1.02 21.35
N SER C 184 11.82 0.55 21.92
CA SER C 184 11.76 -0.78 22.50
C SER C 184 10.51 -1.50 22.01
N SER C 185 10.65 -2.78 21.69
CA SER C 185 9.55 -3.61 21.21
C SER C 185 9.39 -4.79 22.15
N VAL C 186 8.19 -4.95 22.72
CA VAL C 186 7.92 -5.99 23.69
C VAL C 186 6.78 -6.87 23.19
N VAL C 187 6.70 -8.08 23.75
CA VAL C 187 5.68 -9.04 23.39
C VAL C 187 5.30 -9.82 24.65
N THR C 188 4.01 -10.14 24.79
CA THR C 188 3.51 -10.92 25.90
C THR C 188 3.31 -12.36 25.46
N VAL C 189 3.91 -13.29 26.21
CA VAL C 189 3.90 -14.71 25.86
C VAL C 189 3.63 -15.53 27.11
N PRO C 190 3.14 -16.76 26.94
CA PRO C 190 2.92 -17.62 28.11
C PRO C 190 4.24 -17.97 28.80
N SER C 191 4.21 -17.95 30.14
CA SER C 191 5.41 -18.27 30.92
C SER C 191 5.81 -19.73 30.76
N SER C 192 4.83 -20.62 30.58
CA SER C 192 5.13 -22.04 30.43
C SER C 192 5.93 -22.29 29.14
N SER C 193 5.80 -21.42 28.16
CA SER C 193 6.49 -21.56 26.90
C SER C 193 7.88 -20.93 26.89
N LEU C 194 8.35 -20.43 28.03
CA LEU C 194 9.63 -19.74 28.07
C LEU C 194 10.78 -20.71 27.81
N GLY C 195 10.82 -21.83 28.54
CA GLY C 195 11.87 -22.80 28.32
C GLY C 195 11.72 -23.55 27.01
N THR C 196 10.49 -23.67 26.51
CA THR C 196 10.26 -24.44 25.29
C THR C 196 10.50 -23.59 24.04
N GLN C 197 9.90 -22.41 23.98
CA GLN C 197 10.01 -21.55 22.82
C GLN C 197 11.23 -20.65 22.92
N THR C 198 11.73 -20.23 21.75
CA THR C 198 12.84 -19.30 21.65
C THR C 198 12.37 -18.09 20.84
N TYR C 199 12.49 -16.91 21.43
CA TYR C 199 12.00 -15.67 20.82
C TYR C 199 13.18 -14.82 20.35
N ILE C 200 13.09 -14.32 19.12
CA ILE C 200 14.15 -13.53 18.51
C ILE C 200 13.53 -12.29 17.88
N CYS C 201 14.09 -11.13 18.19
CA CYS C 201 13.68 -9.87 17.57
C CYS C 201 14.66 -9.52 16.45
N ASN C 202 14.12 -9.07 15.33
CA ASN C 202 14.92 -8.79 14.13
C ASN C 202 14.88 -7.29 13.86
N VAL C 203 15.95 -6.60 14.20
CA VAL C 203 16.08 -5.16 14.02
C VAL C 203 16.80 -4.90 12.71
N ASN C 204 16.23 -4.05 11.87
CA ASN C 204 16.79 -3.73 10.56
C ASN C 204 16.77 -2.23 10.35
N HIS C 205 17.95 -1.62 10.26
CA HIS C 205 18.10 -0.18 10.04
C HIS C 205 18.61 0.02 8.62
N LYS C 206 17.69 0.30 7.70
CA LYS C 206 18.07 0.45 6.29
C LYS C 206 19.10 1.54 6.05
N PRO C 207 18.98 2.76 6.62
CA PRO C 207 20.01 3.77 6.33
C PRO C 207 21.42 3.34 6.71
N SER C 208 21.60 2.77 7.91
CA SER C 208 22.91 2.28 8.32
C SER C 208 23.20 0.88 7.79
N ASN C 209 22.20 0.21 7.19
CA ASN C 209 22.35 -1.16 6.71
C ASN C 209 22.79 -2.09 7.83
N THR C 210 22.12 -1.97 8.98
CA THR C 210 22.43 -2.73 10.17
C THR C 210 21.33 -3.75 10.39
N LYS C 211 21.58 -5.00 10.01
CA LYS C 211 20.66 -6.10 10.25
C LYS C 211 21.17 -6.90 11.44
N VAL C 212 20.37 -6.95 12.50
CA VAL C 212 20.77 -7.60 13.75
C VAL C 212 19.59 -8.40 14.28
N ASP C 213 19.83 -9.66 14.60
CA ASP C 213 18.84 -10.55 15.20
C ASP C 213 19.35 -10.95 16.58
N LYS C 214 18.65 -10.52 17.63
CA LYS C 214 19.02 -10.81 19.01
C LYS C 214 18.01 -11.78 19.62
N LYS C 215 18.52 -12.78 20.32
CA LYS C 215 17.70 -13.80 20.96
C LYS C 215 17.53 -13.45 22.43
N VAL C 216 16.28 -13.28 22.85
CA VAL C 216 15.96 -12.89 24.22
C VAL C 216 15.80 -14.14 25.07
N GLU C 217 16.46 -14.15 26.24
CA GLU C 217 16.43 -15.27 27.15
C GLU C 217 16.40 -14.76 28.58
N PRO C 218 15.75 -15.48 29.49
CA PRO C 218 15.92 -15.18 30.92
C PRO C 218 17.36 -15.44 31.35
N LYS C 219 17.87 -14.55 32.20
CA LYS C 219 19.29 -14.54 32.53
C LYS C 219 19.62 -15.60 33.56
N SER C 220 20.87 -15.57 34.05
CA SER C 220 21.40 -16.55 34.99
C SER C 220 21.30 -17.98 34.44
C1 NAG D . -7.70 -20.72 -23.42
C2 NAG D . -7.35 -19.91 -22.16
C3 NAG D . -8.31 -20.24 -21.03
C4 NAG D . -9.75 -20.05 -21.49
C5 NAG D . -10.00 -20.89 -22.73
C6 NAG D . -11.39 -20.71 -23.30
C7 NAG D . -5.10 -19.17 -21.54
C8 NAG D . -3.74 -19.61 -21.10
N2 NAG D . -5.98 -20.16 -21.74
O3 NAG D . -8.03 -19.38 -19.93
O4 NAG D . -10.66 -20.41 -20.45
O5 NAG D . -9.08 -20.52 -23.76
O6 NAG D . -11.34 -20.18 -24.62
O7 NAG D . -5.39 -18.00 -21.71
C1 NAG D . -11.49 -19.42 -19.99
C2 NAG D . -12.70 -20.02 -19.28
C3 NAG D . -13.62 -18.93 -18.72
C4 NAG D . -12.82 -17.96 -17.87
C5 NAG D . -11.63 -17.41 -18.66
C6 NAG D . -10.75 -16.50 -17.84
C7 NAG D . -13.19 -22.21 -20.29
C8 NAG D . -14.05 -22.96 -21.26
N2 NAG D . -13.45 -20.90 -20.16
O3 NAG D . -14.65 -19.51 -17.96
O4 NAG D . -13.65 -16.87 -17.45
O5 NAG D . -10.82 -18.50 -19.10
O6 NAG D . -10.66 -16.93 -16.49
O7 NAG D . -12.29 -22.76 -19.67
C1 BMA D . -14.27 -16.81 -16.23
C2 BMA D . -14.28 -15.49 -15.44
C3 BMA D . -14.92 -15.70 -14.06
C4 BMA D . -16.26 -16.46 -14.16
C5 BMA D . -16.06 -17.76 -14.94
C6 BMA D . -17.36 -18.54 -15.13
O2 BMA D . -15.08 -14.51 -16.11
O3 BMA D . -15.11 -14.46 -13.38
O4 BMA D . -16.74 -16.75 -12.86
O5 BMA D . -15.55 -17.44 -16.25
O6 BMA D . -17.05 -19.83 -15.64
C1 NAG E . 4.01 -11.48 -21.74
C2 NAG E . 5.24 -11.36 -20.83
C3 NAG E . 4.90 -11.81 -19.40
C4 NAG E . 3.64 -11.12 -18.90
C5 NAG E . 2.51 -11.34 -19.88
C6 NAG E . 1.22 -10.66 -19.49
C7 NAG E . 7.61 -11.70 -21.40
C8 NAG E . 7.85 -10.32 -20.86
N2 NAG E . 6.35 -12.13 -21.36
O3 NAG E . 5.99 -11.51 -18.54
O4 NAG E . 3.27 -11.66 -17.63
O5 NAG E . 2.89 -10.81 -21.15
O6 NAG E . 0.62 -11.30 -18.37
O7 NAG E . 8.52 -12.39 -21.85
C1 NAG F . -4.37 -1.73 -42.18
C2 NAG F . -4.95 -0.50 -42.86
C3 NAG F . -4.93 -0.66 -44.38
C4 NAG F . -3.53 -1.04 -44.86
C5 NAG F . -3.04 -2.26 -44.10
C6 NAG F . -1.61 -2.64 -44.45
C7 NAG F . -6.76 0.96 -42.05
C8 NAG F . -8.19 1.03 -41.61
N2 NAG F . -6.31 -0.25 -42.41
O3 NAG F . -5.35 0.56 -44.99
O4 NAG F . -3.55 -1.31 -46.25
O5 NAG F . -3.05 -1.99 -42.69
O6 NAG F . -1.31 -3.96 -43.99
O7 NAG F . -6.04 1.95 -42.09
C1 NAG G . -13.89 -18.63 -46.16
C2 NAG G . -14.50 -19.70 -47.06
C3 NAG G . -14.21 -19.37 -48.53
C4 NAG G . -14.68 -17.96 -48.86
C5 NAG G . -14.07 -16.96 -47.88
C6 NAG G . -14.59 -15.55 -48.07
C7 NAG G . -14.80 -22.08 -46.56
C8 NAG G . -14.11 -23.36 -46.20
N2 NAG G . -14.00 -21.02 -46.72
O3 NAG G . -14.87 -20.31 -49.36
O4 NAG G . -14.28 -17.62 -50.18
O5 NAG G . -14.39 -17.33 -46.52
O6 NAG G . -14.75 -14.87 -46.84
O7 NAG G . -16.02 -22.00 -46.68
C1 GOL H . -27.92 -1.41 13.23
O1 GOL H . -26.94 -0.43 13.09
C2 GOL H . -29.13 -0.75 13.92
O2 GOL H . -29.68 0.26 13.13
C3 GOL H . -30.12 -1.90 14.18
O3 GOL H . -31.18 -1.37 14.91
#